data_6KR0
#
_entry.id   6KR0
#
_cell.length_a   87.080
_cell.length_b   88.480
_cell.length_c   135.440
_cell.angle_alpha   90.00
_cell.angle_beta   90.00
_cell.angle_gamma   90.00
#
_symmetry.space_group_name_H-M   'P 21 21 21'
#
loop_
_entity.id
_entity.type
_entity.pdbx_description
1 polymer 'HL diabody'
2 water water
#
_entity_poly.entity_id   1
_entity_poly.type   'polypeptide(L)'
_entity_poly.pdbx_seq_one_letter_code
;MKYLLPTAAAGLLLLAAQPAMAGSEVQLVESGGGLVQPGGSLRLSCAASGYSFTGYTMNWVRQAPGKGLEWVALINPYKG
VSTYNQKFKDRFTISVDKSKNTAYLQMNSLRAEDTAVYYCARSGYYGDSDWYFDVWGQGTLVTVSSAASGGGGSDIQMTQ
SPSSLSASVGDRVTITCRASQDLATDVAWYQQKPGKAPKLLIYSASFLYSGVPSRFSGSGSGTDFTLTISSLQPEDFATY
YCQQSEPEPYTFGQGTKVEIKAAAAEQKLISEEDLNLGGGMRGSHHHHHH
;
_entity_poly.pdbx_strand_id   A,B,C,D
#
# COMPACT_ATOMS: atom_id res chain seq x y z
N GLU A 25 -24.51 -45.73 -35.76
CA GLU A 25 -24.93 -44.41 -36.19
C GLU A 25 -25.31 -43.52 -35.01
N VAL A 26 -25.45 -44.14 -33.84
CA VAL A 26 -25.81 -43.38 -32.64
C VAL A 26 -24.64 -42.52 -32.20
N GLN A 27 -24.90 -41.24 -31.94
CA GLN A 27 -23.82 -40.31 -31.62
C GLN A 27 -24.35 -39.19 -30.73
N LEU A 28 -23.51 -38.76 -29.79
CA LEU A 28 -23.76 -37.59 -28.96
C LEU A 28 -22.56 -36.67 -29.04
N VAL A 29 -22.81 -35.36 -29.12
CA VAL A 29 -21.75 -34.36 -29.21
C VAL A 29 -22.09 -33.22 -28.25
N GLU A 30 -21.21 -33.00 -27.28
CA GLU A 30 -21.38 -31.91 -26.32
C GLU A 30 -20.73 -30.64 -26.82
N SER A 31 -21.31 -29.51 -26.44
CA SER A 31 -20.71 -28.21 -26.71
C SER A 31 -21.23 -27.23 -25.66
N GLY A 32 -20.65 -26.04 -25.66
CA GLY A 32 -21.02 -25.01 -24.71
C GLY A 32 -20.09 -24.86 -23.52
N GLY A 33 -19.06 -25.68 -23.41
CA GLY A 33 -18.12 -25.55 -22.33
C GLY A 33 -17.27 -24.30 -22.47
N GLY A 34 -16.50 -24.02 -21.43
CA GLY A 34 -15.62 -22.88 -21.45
C GLY A 34 -15.12 -22.53 -20.06
N LEU A 35 -14.46 -21.38 -19.99
CA LEU A 35 -13.84 -20.87 -18.77
C LEU A 35 -14.61 -19.64 -18.31
N VAL A 36 -15.19 -19.70 -17.11
CA VAL A 36 -16.02 -18.62 -16.58
C VAL A 36 -15.61 -18.37 -15.12
N GLN A 37 -16.06 -17.20 -14.59
CA GLN A 37 -15.75 -16.85 -13.22
C GLN A 37 -16.84 -17.36 -12.28
N PRO A 38 -16.52 -17.56 -11.00
CA PRO A 38 -17.54 -18.03 -10.05
C PRO A 38 -18.76 -17.13 -10.04
N GLY A 39 -19.93 -17.74 -10.00
CA GLY A 39 -21.19 -17.02 -10.04
C GLY A 39 -21.78 -16.84 -11.41
N GLY A 40 -20.99 -17.06 -12.47
CA GLY A 40 -21.49 -16.96 -13.82
C GLY A 40 -22.31 -18.17 -14.21
N SER A 41 -22.74 -18.18 -15.47
CA SER A 41 -23.57 -19.25 -15.98
C SER A 41 -22.99 -19.81 -17.27
N LEU A 42 -23.29 -21.08 -17.51
CA LEU A 42 -23.04 -21.72 -18.80
C LEU A 42 -24.27 -22.54 -19.16
N ARG A 43 -24.35 -22.89 -20.44
CA ARG A 43 -25.43 -23.74 -20.92
C ARG A 43 -24.82 -24.73 -21.90
N LEU A 44 -24.72 -25.98 -21.47
CA LEU A 44 -24.17 -27.04 -22.31
C LEU A 44 -25.26 -27.60 -23.21
N SER A 45 -24.86 -28.03 -24.40
CA SER A 45 -25.77 -28.63 -25.36
C SER A 45 -25.25 -30.01 -25.75
N CYS A 46 -26.19 -30.93 -25.97
CA CYS A 46 -25.87 -32.30 -26.34
C CYS A 46 -26.68 -32.64 -27.58
N ALA A 47 -26.00 -32.62 -28.74
CA ALA A 47 -26.64 -32.94 -30.01
C ALA A 47 -26.64 -34.46 -30.21
N ALA A 48 -27.82 -35.03 -30.33
CA ALA A 48 -28.00 -36.47 -30.50
C ALA A 48 -28.43 -36.79 -31.92
N SER A 49 -28.00 -37.96 -32.39
CA SER A 49 -28.37 -38.42 -33.72
C SER A 49 -28.24 -39.94 -33.79
N GLY A 50 -29.00 -40.53 -34.72
CA GLY A 50 -28.95 -41.96 -34.95
C GLY A 50 -29.98 -42.77 -34.21
N TYR A 51 -30.88 -42.15 -33.46
CA TYR A 51 -31.89 -42.89 -32.72
C TYR A 51 -33.05 -41.95 -32.40
N SER A 52 -34.12 -42.54 -31.87
CA SER A 52 -35.32 -41.77 -31.50
C SER A 52 -35.02 -40.97 -30.24
N PHE A 53 -34.71 -39.69 -30.41
CA PHE A 53 -34.32 -38.83 -29.30
C PHE A 53 -35.42 -38.74 -28.24
N THR A 54 -36.68 -38.86 -28.65
CA THR A 54 -37.79 -38.70 -27.72
C THR A 54 -37.92 -39.90 -26.78
N GLY A 55 -37.66 -41.11 -27.29
CA GLY A 55 -37.95 -42.31 -26.53
C GLY A 55 -36.97 -42.63 -25.43
N TYR A 56 -35.74 -42.10 -25.49
CA TYR A 56 -34.69 -42.47 -24.57
C TYR A 56 -34.44 -41.38 -23.54
N THR A 57 -33.87 -41.78 -22.41
CA THR A 57 -33.46 -40.84 -21.37
C THR A 57 -32.07 -40.31 -21.67
N MET A 58 -31.92 -38.99 -21.62
CA MET A 58 -30.62 -38.35 -21.72
C MET A 58 -30.15 -37.98 -20.32
N ASN A 59 -28.86 -38.20 -20.06
CA ASN A 59 -28.26 -37.92 -18.77
C ASN A 59 -27.09 -36.96 -18.94
N TRP A 60 -26.77 -36.25 -17.87
CA TRP A 60 -25.52 -35.50 -17.77
C TRP A 60 -24.68 -36.13 -16.67
N VAL A 61 -23.42 -36.40 -16.99
CA VAL A 61 -22.46 -36.99 -16.06
C VAL A 61 -21.20 -36.13 -16.11
N ARG A 62 -20.63 -35.83 -14.96
CA ARG A 62 -19.45 -34.98 -14.91
C ARG A 62 -18.32 -35.69 -14.20
N GLN A 63 -17.10 -35.23 -14.48
CA GLN A 63 -15.87 -35.81 -13.92
C GLN A 63 -14.97 -34.67 -13.49
N ALA A 64 -14.98 -34.36 -12.19
CA ALA A 64 -14.07 -33.35 -11.66
C ALA A 64 -12.63 -33.76 -11.90
N PRO A 65 -11.71 -32.80 -12.02
CA PRO A 65 -10.32 -33.12 -12.37
C PRO A 65 -9.72 -34.18 -11.44
N GLY A 66 -9.17 -35.23 -12.06
CA GLY A 66 -8.58 -36.34 -11.33
C GLY A 66 -9.50 -36.96 -10.30
N LYS A 67 -10.72 -37.32 -10.72
CA LYS A 67 -11.70 -37.89 -9.81
C LYS A 67 -12.65 -38.77 -10.61
N GLY A 68 -13.62 -39.35 -9.91
CA GLY A 68 -14.53 -40.30 -10.50
C GLY A 68 -15.67 -39.62 -11.22
N LEU A 69 -16.63 -40.44 -11.65
CA LEU A 69 -17.79 -39.97 -12.37
C LEU A 69 -18.92 -39.67 -11.39
N GLU A 70 -19.70 -38.64 -11.70
CA GLU A 70 -20.84 -38.26 -10.87
C GLU A 70 -22.02 -37.90 -11.77
N TRP A 71 -23.14 -38.58 -11.55
CA TRP A 71 -24.35 -38.29 -12.30
C TRP A 71 -24.96 -36.97 -11.86
N VAL A 72 -25.40 -36.17 -12.82
CA VAL A 72 -25.86 -34.79 -12.58
C VAL A 72 -27.37 -34.67 -12.72
N ALA A 73 -27.92 -35.03 -13.88
CA ALA A 73 -29.36 -34.92 -14.10
C ALA A 73 -29.75 -35.84 -15.24
N LEU A 74 -31.05 -36.11 -15.33
CA LEU A 74 -31.62 -36.92 -16.40
C LEU A 74 -32.91 -36.28 -16.87
N ILE A 75 -33.28 -36.56 -18.11
CA ILE A 75 -34.58 -36.19 -18.64
C ILE A 75 -35.04 -37.27 -19.60
N ASN A 76 -36.29 -37.68 -19.48
CA ASN A 76 -36.92 -38.55 -20.48
C ASN A 76 -38.06 -37.77 -21.10
N PRO A 77 -37.92 -37.31 -22.35
CA PRO A 77 -39.01 -36.51 -22.95
C PRO A 77 -40.32 -37.27 -23.07
N TYR A 78 -40.27 -38.56 -23.40
CA TYR A 78 -41.49 -39.32 -23.61
C TYR A 78 -42.28 -39.47 -22.32
N LYS A 79 -41.61 -39.81 -21.23
CA LYS A 79 -42.26 -39.91 -19.92
C LYS A 79 -42.56 -38.55 -19.31
N GLY A 80 -41.95 -37.48 -19.82
CA GLY A 80 -42.14 -36.17 -19.21
C GLY A 80 -41.62 -36.08 -17.80
N VAL A 81 -40.47 -36.71 -17.54
CA VAL A 81 -39.85 -36.69 -16.22
C VAL A 81 -38.41 -36.19 -16.36
N SER A 82 -38.00 -35.36 -15.42
CA SER A 82 -36.60 -34.99 -15.25
C SER A 82 -36.25 -35.15 -13.78
N THR A 83 -35.03 -35.58 -13.51
CA THR A 83 -34.58 -35.85 -12.16
C THR A 83 -33.17 -35.30 -12.00
N TYR A 84 -32.88 -34.77 -10.81
CA TYR A 84 -31.59 -34.15 -10.54
C TYR A 84 -30.88 -34.84 -9.38
N ASN A 85 -29.55 -34.83 -9.45
CA ASN A 85 -28.76 -34.99 -8.24
C ASN A 85 -29.07 -33.81 -7.31
N GLN A 86 -29.39 -34.12 -6.06
CA GLN A 86 -29.78 -33.07 -5.11
C GLN A 86 -28.70 -32.01 -4.95
N LYS A 87 -27.45 -32.32 -5.29
CA LYS A 87 -26.38 -31.33 -5.20
C LYS A 87 -26.62 -30.14 -6.11
N PHE A 88 -27.36 -30.34 -7.20
CA PHE A 88 -27.52 -29.31 -8.23
C PHE A 88 -28.97 -28.91 -8.46
N LYS A 89 -29.88 -29.30 -7.57
CA LYS A 89 -31.31 -29.30 -7.91
C LYS A 89 -31.87 -27.90 -8.16
N ASP A 90 -31.24 -26.86 -7.61
CA ASP A 90 -31.76 -25.51 -7.77
C ASP A 90 -30.81 -24.55 -8.47
N ARG A 91 -29.62 -25.01 -8.87
CA ARG A 91 -28.75 -24.23 -9.73
C ARG A 91 -28.70 -24.72 -11.16
N PHE A 92 -28.93 -26.02 -11.39
CA PHE A 92 -28.87 -26.61 -12.72
C PHE A 92 -30.28 -26.90 -13.22
N THR A 93 -30.46 -26.76 -14.53
CA THR A 93 -31.74 -27.08 -15.16
C THR A 93 -31.47 -27.83 -16.45
N ILE A 94 -32.13 -28.98 -16.60
CA ILE A 94 -32.01 -29.81 -17.79
C ILE A 94 -33.25 -29.61 -18.64
N SER A 95 -33.09 -29.66 -19.96
CA SER A 95 -34.20 -29.49 -20.87
C SER A 95 -33.80 -30.07 -22.22
N VAL A 96 -34.77 -30.16 -23.13
CA VAL A 96 -34.52 -30.68 -24.47
C VAL A 96 -35.18 -29.75 -25.49
N ASP A 97 -34.54 -29.63 -26.65
CA ASP A 97 -35.12 -29.00 -27.84
C ASP A 97 -35.43 -30.15 -28.79
N LYS A 98 -36.71 -30.50 -28.90
CA LYS A 98 -37.10 -31.67 -29.68
C LYS A 98 -36.82 -31.46 -31.16
N SER A 99 -36.96 -30.23 -31.65
CA SER A 99 -36.73 -29.96 -33.06
C SER A 99 -35.25 -30.06 -33.43
N LYS A 100 -34.35 -29.97 -32.46
CA LYS A 100 -32.92 -30.07 -32.71
C LYS A 100 -32.32 -31.39 -32.25
N ASN A 101 -33.13 -32.30 -31.70
CA ASN A 101 -32.64 -33.52 -31.07
C ASN A 101 -31.48 -33.20 -30.12
N THR A 102 -31.67 -32.19 -29.29
CA THR A 102 -30.63 -31.63 -28.45
C THR A 102 -31.15 -31.52 -27.02
N ALA A 103 -30.34 -31.97 -26.06
CA ALA A 103 -30.59 -31.76 -24.65
C ALA A 103 -29.67 -30.66 -24.14
N TYR A 104 -30.12 -29.98 -23.08
CA TYR A 104 -29.39 -28.84 -22.55
C TYR A 104 -29.20 -28.99 -21.05
N LEU A 105 -28.10 -28.42 -20.54
CA LEU A 105 -27.87 -28.30 -19.10
C LEU A 105 -27.53 -26.84 -18.80
N GLN A 106 -28.51 -26.10 -18.32
CA GLN A 106 -28.28 -24.72 -17.87
C GLN A 106 -27.66 -24.76 -16.48
N MET A 107 -26.50 -24.14 -16.32
CA MET A 107 -25.76 -24.13 -15.06
C MET A 107 -25.62 -22.71 -14.57
N ASN A 108 -26.28 -22.38 -13.47
CA ASN A 108 -26.23 -21.05 -12.87
C ASN A 108 -25.46 -21.10 -11.55
N SER A 109 -24.98 -19.93 -11.12
CA SER A 109 -24.26 -19.77 -9.85
C SER A 109 -23.11 -20.75 -9.75
N LEU A 110 -22.30 -20.81 -10.82
CA LEU A 110 -21.23 -21.79 -10.90
C LEU A 110 -20.21 -21.57 -9.79
N ARG A 111 -19.74 -22.66 -9.21
CA ARG A 111 -18.71 -22.66 -8.19
C ARG A 111 -17.44 -23.28 -8.72
N ALA A 112 -16.32 -23.01 -8.04
CA ALA A 112 -15.03 -23.53 -8.49
C ALA A 112 -15.04 -25.05 -8.59
N GLU A 113 -15.79 -25.72 -7.71
CA GLU A 113 -15.86 -27.18 -7.70
C GLU A 113 -16.75 -27.74 -8.80
N ASP A 114 -17.47 -26.90 -9.54
CA ASP A 114 -18.17 -27.36 -10.74
C ASP A 114 -17.22 -27.60 -11.90
N THR A 115 -15.95 -27.21 -11.77
CA THR A 115 -14.95 -27.50 -12.78
C THR A 115 -14.87 -29.00 -13.01
N ALA A 116 -15.12 -29.43 -14.24
CA ALA A 116 -15.19 -30.85 -14.58
C ALA A 116 -15.34 -30.97 -16.08
N VAL A 117 -15.11 -32.19 -16.58
CA VAL A 117 -15.56 -32.57 -17.91
C VAL A 117 -17.01 -33.03 -17.81
N TYR A 118 -17.87 -32.49 -18.66
CA TYR A 118 -19.29 -32.79 -18.63
C TYR A 118 -19.65 -33.64 -19.83
N TYR A 119 -20.19 -34.83 -19.57
CA TYR A 119 -20.65 -35.75 -20.60
C TYR A 119 -22.17 -35.80 -20.59
N CYS A 120 -22.76 -35.90 -21.78
CA CYS A 120 -24.11 -36.41 -21.87
C CYS A 120 -24.06 -37.89 -22.25
N ALA A 121 -25.03 -38.65 -21.77
CA ALA A 121 -25.02 -40.09 -21.94
C ALA A 121 -26.45 -40.59 -22.04
N ARG A 122 -26.69 -41.47 -23.01
CA ARG A 122 -28.00 -42.09 -23.16
C ARG A 122 -28.11 -43.27 -22.22
N SER A 123 -29.28 -43.41 -21.59
CA SER A 123 -29.57 -44.63 -20.85
C SER A 123 -30.75 -45.34 -21.50
N GLY A 124 -31.56 -46.04 -20.70
CA GLY A 124 -32.59 -46.88 -21.25
C GLY A 124 -33.69 -46.11 -21.94
N TYR A 125 -34.43 -46.81 -22.79
CA TYR A 125 -35.62 -46.25 -23.40
C TYR A 125 -36.71 -46.08 -22.34
N TYR A 126 -37.81 -45.42 -22.73
CA TYR A 126 -38.83 -45.00 -21.78
C TYR A 126 -39.37 -46.14 -20.93
N GLY A 127 -39.27 -47.38 -21.41
CA GLY A 127 -39.83 -48.48 -20.65
C GLY A 127 -38.87 -49.26 -19.80
N ASP A 128 -37.61 -48.82 -19.70
CA ASP A 128 -36.57 -49.60 -19.06
C ASP A 128 -36.37 -49.14 -17.62
N SER A 129 -36.30 -50.09 -16.70
CA SER A 129 -36.01 -49.76 -15.31
C SER A 129 -34.50 -49.68 -15.07
N ASP A 130 -33.74 -50.54 -15.71
CA ASP A 130 -32.29 -50.51 -15.58
C ASP A 130 -31.73 -49.19 -16.13
N TRP A 131 -30.55 -48.82 -15.65
CA TRP A 131 -29.99 -47.49 -15.86
C TRP A 131 -28.52 -47.59 -16.27
N TYR A 132 -28.28 -48.07 -17.48
CA TYR A 132 -26.93 -48.20 -18.00
C TYR A 132 -26.71 -47.15 -19.07
N PHE A 133 -25.55 -46.50 -19.03
CA PHE A 133 -25.18 -45.47 -20.01
C PHE A 133 -24.45 -46.15 -21.16
N ASP A 134 -25.19 -46.46 -22.22
CA ASP A 134 -24.62 -47.22 -23.33
C ASP A 134 -23.95 -46.34 -24.39
N VAL A 135 -24.33 -45.07 -24.49
CA VAL A 135 -23.74 -44.16 -25.47
C VAL A 135 -23.30 -42.89 -24.76
N TRP A 136 -22.07 -42.46 -25.00
CA TRP A 136 -21.50 -41.28 -24.39
C TRP A 136 -20.98 -40.34 -25.47
N GLY A 137 -21.02 -39.04 -25.17
CA GLY A 137 -20.35 -38.05 -26.00
C GLY A 137 -18.89 -37.91 -25.62
N GLN A 138 -18.21 -37.00 -26.31
CA GLN A 138 -16.80 -36.77 -26.05
C GLN A 138 -16.56 -35.96 -24.78
N GLY A 139 -17.60 -35.32 -24.25
CA GLY A 139 -17.43 -34.46 -23.11
C GLY A 139 -17.01 -33.06 -23.49
N THR A 140 -17.35 -32.07 -22.66
CA THR A 140 -16.92 -30.70 -22.86
C THR A 140 -16.36 -30.17 -21.55
N LEU A 141 -15.26 -29.42 -21.62
CA LEU A 141 -14.56 -28.98 -20.43
C LEU A 141 -15.18 -27.70 -19.88
N VAL A 142 -15.45 -27.71 -18.58
CA VAL A 142 -15.97 -26.54 -17.86
C VAL A 142 -14.98 -26.21 -16.75
N THR A 143 -14.43 -25.01 -16.79
CA THR A 143 -13.52 -24.52 -15.76
C THR A 143 -14.12 -23.27 -15.15
N VAL A 144 -14.32 -23.28 -13.84
CA VAL A 144 -14.82 -22.14 -13.09
C VAL A 144 -13.66 -21.63 -12.23
N SER A 145 -13.13 -20.46 -12.59
CA SER A 145 -11.96 -19.91 -11.92
C SER A 145 -11.91 -18.41 -12.16
N SER A 146 -10.93 -17.76 -11.56
CA SER A 146 -10.74 -16.32 -11.71
C SER A 146 -9.93 -16.05 -12.96
N ALA A 147 -10.62 -15.86 -14.08
CA ALA A 147 -9.99 -15.58 -15.36
C ALA A 147 -11.01 -15.09 -16.39
N ILE A 156 -2.75 -11.79 -5.06
CA ILE A 156 -4.05 -12.45 -5.08
C ILE A 156 -3.87 -13.92 -5.44
N GLN A 157 -2.83 -14.22 -6.23
CA GLN A 157 -2.52 -15.57 -6.66
C GLN A 157 -1.18 -16.01 -6.08
N MET A 158 -1.14 -17.24 -5.58
CA MET A 158 0.06 -17.84 -5.01
C MET A 158 0.29 -19.19 -5.70
N THR A 159 1.37 -19.29 -6.47
CA THR A 159 1.69 -20.51 -7.19
C THR A 159 2.99 -21.09 -6.62
N GLN A 160 2.94 -22.37 -6.27
CA GLN A 160 4.11 -23.08 -5.78
C GLN A 160 4.62 -24.03 -6.85
N SER A 161 5.92 -24.31 -6.82
CA SER A 161 6.53 -25.28 -7.70
C SER A 161 7.75 -25.87 -6.99
N PRO A 162 7.99 -27.17 -7.14
CA PRO A 162 7.10 -28.08 -7.88
C PRO A 162 5.86 -28.43 -7.08
N SER A 163 4.87 -29.06 -7.71
CA SER A 163 3.70 -29.50 -6.95
C SER A 163 4.00 -30.75 -6.13
N SER A 164 4.95 -31.56 -6.58
CA SER A 164 5.36 -32.74 -5.82
C SER A 164 6.78 -33.12 -6.24
N LEU A 165 7.52 -33.70 -5.30
CA LEU A 165 8.89 -34.11 -5.57
C LEU A 165 9.24 -35.31 -4.71
N SER A 166 10.07 -36.19 -5.27
CA SER A 166 10.62 -37.34 -4.55
C SER A 166 12.09 -37.10 -4.27
N ALA A 167 12.51 -37.33 -3.03
CA ALA A 167 13.89 -37.10 -2.64
C ALA A 167 14.31 -38.18 -1.64
N SER A 168 15.57 -38.10 -1.20
CA SER A 168 16.13 -39.07 -0.28
C SER A 168 16.60 -38.36 0.99
N VAL A 169 16.81 -39.16 2.04
CA VAL A 169 17.24 -38.61 3.31
C VAL A 169 18.59 -37.92 3.13
N GLY A 170 18.72 -36.71 3.68
CA GLY A 170 19.92 -35.93 3.55
C GLY A 170 19.98 -35.04 2.33
N ASP A 171 19.11 -35.25 1.36
CA ASP A 171 19.09 -34.42 0.16
C ASP A 171 18.68 -32.99 0.49
N ARG A 172 18.97 -32.08 -0.43
CA ARG A 172 18.52 -30.69 -0.34
C ARG A 172 17.26 -30.52 -1.17
N VAL A 173 16.26 -29.88 -0.59
CA VAL A 173 14.99 -29.60 -1.26
C VAL A 173 14.82 -28.09 -1.37
N THR A 174 14.37 -27.63 -2.53
CA THR A 174 14.15 -26.22 -2.80
C THR A 174 12.75 -26.03 -3.36
N ILE A 175 11.90 -25.31 -2.63
CA ILE A 175 10.51 -25.07 -3.02
C ILE A 175 10.36 -23.59 -3.34
N THR A 176 9.69 -23.31 -4.46
CA THR A 176 9.52 -21.95 -4.95
C THR A 176 8.06 -21.52 -4.84
N CYS A 177 7.84 -20.28 -4.41
CA CYS A 177 6.51 -19.72 -4.24
C CYS A 177 6.43 -18.39 -4.98
N ARG A 178 5.46 -18.26 -5.87
CA ARG A 178 5.30 -17.08 -6.71
C ARG A 178 3.99 -16.37 -6.38
N ALA A 179 4.09 -15.08 -6.10
CA ALA A 179 2.92 -14.22 -5.91
C ALA A 179 2.68 -13.39 -7.16
N SER A 180 1.42 -13.28 -7.57
CA SER A 180 1.07 -12.46 -8.71
C SER A 180 1.04 -10.97 -8.39
N GLN A 181 1.37 -10.59 -7.16
CA GLN A 181 1.48 -9.20 -6.77
C GLN A 181 2.60 -9.08 -5.74
N ASP A 182 2.94 -7.84 -5.39
CA ASP A 182 4.03 -7.61 -4.46
C ASP A 182 3.57 -7.80 -3.02
N LEU A 183 4.40 -8.48 -2.24
CA LEU A 183 4.05 -8.83 -0.86
C LEU A 183 5.03 -8.33 0.18
N ALA A 184 6.25 -7.96 -0.19
CA ALA A 184 7.21 -7.30 0.71
C ALA A 184 7.46 -8.12 1.98
N THR A 185 8.03 -9.30 1.79
CA THR A 185 8.39 -10.26 2.84
C THR A 185 7.21 -10.63 3.74
N ASP A 186 5.98 -10.51 3.26
CA ASP A 186 4.80 -10.95 4.01
C ASP A 186 4.37 -12.33 3.52
N VAL A 187 5.25 -13.30 3.75
CA VAL A 187 5.05 -14.67 3.33
C VAL A 187 5.44 -15.60 4.49
N ALA A 188 4.58 -16.57 4.77
CA ALA A 188 4.86 -17.62 5.74
C ALA A 188 4.95 -18.97 5.04
N TRP A 189 5.70 -19.89 5.65
CA TRP A 189 5.85 -21.24 5.14
C TRP A 189 5.37 -22.22 6.21
N TYR A 190 4.61 -23.23 5.79
CA TYR A 190 4.06 -24.21 6.71
C TYR A 190 4.38 -25.63 6.25
N GLN A 191 4.54 -26.51 7.23
CA GLN A 191 4.71 -27.95 6.99
C GLN A 191 3.45 -28.67 7.47
N GLN A 192 2.94 -29.58 6.64
CA GLN A 192 1.78 -30.38 7.02
C GLN A 192 2.10 -31.85 6.78
N LYS A 193 2.41 -32.57 7.84
CA LYS A 193 2.59 -34.01 7.74
C LYS A 193 1.26 -34.69 7.41
N PRO A 194 1.31 -35.84 6.72
CA PRO A 194 0.07 -36.44 6.21
C PRO A 194 -0.95 -36.68 7.32
N GLY A 195 -2.18 -36.23 7.07
CA GLY A 195 -3.26 -36.37 8.03
C GLY A 195 -3.19 -35.48 9.24
N LYS A 196 -2.11 -34.74 9.44
CA LYS A 196 -1.92 -33.93 10.63
C LYS A 196 -2.24 -32.46 10.34
N ALA A 197 -2.15 -31.65 11.38
CA ALA A 197 -2.42 -30.22 11.26
C ALA A 197 -1.15 -29.49 10.82
N PRO A 198 -1.31 -28.40 10.06
CA PRO A 198 -0.13 -27.65 9.60
C PRO A 198 0.65 -27.07 10.77
N LYS A 199 1.95 -26.86 10.54
CA LYS A 199 2.83 -26.29 11.54
C LYS A 199 3.66 -25.17 10.90
N LEU A 200 3.74 -24.04 11.59
CA LEU A 200 4.49 -22.90 11.07
C LEU A 200 5.99 -23.20 11.09
N LEU A 201 6.64 -22.93 9.97
CA LEU A 201 8.08 -23.09 9.84
C LEU A 201 8.82 -21.76 9.78
N ILE A 202 8.40 -20.88 8.88
CA ILE A 202 9.07 -19.60 8.62
C ILE A 202 8.01 -18.53 8.51
N TYR A 203 8.23 -17.41 9.19
CA TYR A 203 7.38 -16.23 9.05
C TYR A 203 8.21 -15.07 8.52
N SER A 204 7.52 -14.09 7.94
CA SER A 204 8.15 -12.89 7.37
C SER A 204 9.27 -13.26 6.40
N ALA A 205 8.98 -14.23 5.53
CA ALA A 205 9.82 -14.64 4.41
C ALA A 205 11.08 -15.41 4.82
N SER A 206 11.80 -14.93 5.84
CA SER A 206 13.10 -15.50 6.15
C SER A 206 13.30 -15.86 7.62
N PHE A 207 12.47 -15.38 8.53
CA PHE A 207 12.68 -15.62 9.95
C PHE A 207 12.22 -17.02 10.34
N LEU A 208 13.07 -17.72 11.08
CA LEU A 208 12.79 -19.08 11.54
C LEU A 208 12.00 -19.01 12.85
N TYR A 209 10.78 -19.54 12.83
CA TYR A 209 9.93 -19.54 14.01
C TYR A 209 10.57 -20.37 15.13
N SER A 210 10.20 -20.04 16.36
CA SER A 210 10.79 -20.70 17.52
C SER A 210 10.50 -22.20 17.52
N GLY A 211 11.50 -22.98 17.92
CA GLY A 211 11.37 -24.43 17.96
C GLY A 211 11.51 -25.13 16.63
N VAL A 212 11.55 -24.40 15.53
CA VAL A 212 11.69 -25.00 14.20
C VAL A 212 13.15 -25.39 14.01
N PRO A 213 13.44 -26.58 13.48
CA PRO A 213 14.82 -26.92 13.16
C PRO A 213 15.44 -25.92 12.20
N SER A 214 16.76 -25.72 12.34
CA SER A 214 17.46 -24.72 11.54
C SER A 214 17.75 -25.18 10.12
N ARG A 215 17.55 -26.46 9.81
CA ARG A 215 17.76 -26.94 8.44
C ARG A 215 16.74 -26.34 7.47
N PHE A 216 15.66 -25.73 7.98
CA PHE A 216 14.73 -25.00 7.15
C PHE A 216 15.20 -23.56 6.99
N SER A 217 15.24 -23.09 5.75
CA SER A 217 15.63 -21.72 5.44
C SER A 217 14.63 -21.11 4.47
N GLY A 218 14.29 -19.85 4.69
CA GLY A 218 13.46 -19.11 3.77
C GLY A 218 14.12 -17.82 3.35
N SER A 219 13.75 -17.35 2.16
CA SER A 219 14.33 -16.12 1.59
C SER A 219 13.43 -15.65 0.45
N GLY A 220 13.83 -14.52 -0.14
CA GLY A 220 13.09 -13.90 -1.22
C GLY A 220 12.29 -12.68 -0.74
N SER A 221 11.77 -11.95 -1.72
CA SER A 221 11.02 -10.73 -1.48
C SER A 221 10.26 -10.37 -2.76
N GLY A 222 9.31 -9.45 -2.60
CA GLY A 222 8.54 -8.99 -3.74
C GLY A 222 7.50 -9.99 -4.20
N THR A 223 7.78 -10.69 -5.29
CA THR A 223 6.89 -11.73 -5.80
C THR A 223 7.55 -13.10 -5.81
N ASP A 224 8.76 -13.22 -5.28
CA ASP A 224 9.60 -14.39 -5.44
C ASP A 224 10.06 -14.87 -4.07
N PHE A 225 9.69 -16.10 -3.71
CA PHE A 225 10.02 -16.63 -2.40
C PHE A 225 10.47 -18.07 -2.53
N THR A 226 11.41 -18.47 -1.68
CA THR A 226 12.03 -19.79 -1.76
C THR A 226 12.15 -20.38 -0.37
N LEU A 227 11.87 -21.67 -0.26
CA LEU A 227 12.07 -22.45 0.96
C LEU A 227 13.08 -23.55 0.66
N THR A 228 14.07 -23.71 1.54
CA THR A 228 15.12 -24.70 1.35
C THR A 228 15.20 -25.59 2.58
N ILE A 229 15.25 -26.90 2.35
CA ILE A 229 15.55 -27.88 3.39
C ILE A 229 16.93 -28.44 3.09
N SER A 230 17.92 -28.04 3.90
CA SER A 230 19.31 -28.37 3.59
C SER A 230 19.56 -29.87 3.66
N SER A 231 19.24 -30.49 4.79
CA SER A 231 19.48 -31.92 5.01
C SER A 231 18.13 -32.57 5.30
N LEU A 232 17.55 -33.20 4.28
CA LEU A 232 16.20 -33.77 4.40
C LEU A 232 16.20 -34.93 5.38
N GLN A 233 15.37 -34.84 6.40
CA GLN A 233 15.24 -35.86 7.43
C GLN A 233 13.99 -36.68 7.22
N PRO A 234 13.91 -37.90 7.77
CA PRO A 234 12.75 -38.76 7.50
C PRO A 234 11.43 -38.19 7.98
N GLU A 235 11.45 -37.26 8.94
CA GLU A 235 10.23 -36.62 9.42
C GLU A 235 9.85 -35.40 8.60
N ASP A 236 10.64 -35.04 7.60
CA ASP A 236 10.36 -33.87 6.77
C ASP A 236 9.48 -34.20 5.57
N PHE A 237 9.09 -35.47 5.40
CA PHE A 237 8.26 -35.86 4.28
C PHE A 237 6.82 -35.46 4.56
N ALA A 238 6.33 -34.47 3.83
CA ALA A 238 5.07 -33.80 4.11
C ALA A 238 4.72 -32.90 2.94
N THR A 239 3.63 -32.17 3.07
CA THR A 239 3.25 -31.14 2.10
C THR A 239 3.57 -29.78 2.70
N TYR A 240 4.17 -28.91 1.89
CA TYR A 240 4.63 -27.61 2.35
C TYR A 240 3.87 -26.50 1.64
N TYR A 241 3.41 -25.52 2.41
CA TYR A 241 2.61 -24.42 1.91
C TYR A 241 3.30 -23.10 2.18
N CYS A 242 3.34 -22.23 1.18
CA CYS A 242 3.58 -20.82 1.41
C CYS A 242 2.25 -20.10 1.54
N GLN A 243 2.28 -18.93 2.18
CA GLN A 243 1.05 -18.21 2.45
C GLN A 243 1.29 -16.70 2.38
N GLN A 244 0.39 -16.00 1.72
CA GLN A 244 0.35 -14.55 1.76
C GLN A 244 -0.12 -14.09 3.14
N SER A 245 0.70 -13.28 3.81
CA SER A 245 0.36 -12.87 5.17
C SER A 245 -0.58 -11.68 5.21
N GLU A 246 -0.55 -10.82 4.19
CA GLU A 246 -1.41 -9.65 4.17
C GLU A 246 -1.80 -9.35 2.73
N PRO A 247 -3.00 -8.78 2.51
CA PRO A 247 -4.04 -8.76 3.55
C PRO A 247 -4.88 -10.03 3.45
N GLU A 248 -6.18 -9.92 3.69
CA GLU A 248 -7.08 -11.02 3.39
C GLU A 248 -7.09 -11.26 1.88
N PRO A 249 -7.39 -12.50 1.44
CA PRO A 249 -7.84 -13.65 2.21
C PRO A 249 -6.72 -14.58 2.69
N TYR A 250 -5.52 -14.04 2.88
CA TYR A 250 -4.39 -14.81 3.43
C TYR A 250 -4.17 -16.09 2.63
N THR A 251 -4.13 -15.93 1.31
CA THR A 251 -4.16 -17.07 0.40
C THR A 251 -2.96 -17.99 0.62
N PHE A 252 -3.24 -19.29 0.61
CA PHE A 252 -2.22 -20.31 0.63
C PHE A 252 -1.84 -20.70 -0.80
N GLY A 253 -0.62 -21.20 -0.96
CA GLY A 253 -0.25 -21.84 -2.20
C GLY A 253 -0.90 -23.20 -2.33
N GLN A 254 -0.73 -23.81 -3.51
CA GLN A 254 -1.31 -25.13 -3.74
C GLN A 254 -0.64 -26.20 -2.88
N GLY A 255 0.55 -25.93 -2.37
CA GLY A 255 1.30 -26.91 -1.61
C GLY A 255 2.28 -27.68 -2.48
N THR A 256 3.33 -28.19 -1.82
CA THR A 256 4.35 -29.00 -2.48
C THR A 256 4.54 -30.28 -1.67
N LYS A 257 4.25 -31.42 -2.29
CA LYS A 257 4.35 -32.71 -1.61
C LYS A 257 5.78 -33.23 -1.74
N VAL A 258 6.37 -33.61 -0.62
CA VAL A 258 7.75 -34.08 -0.55
C VAL A 258 7.70 -35.54 -0.13
N GLU A 259 7.90 -36.44 -1.07
CA GLU A 259 7.87 -37.87 -0.81
C GLU A 259 9.30 -38.39 -0.72
N ILE A 260 9.42 -39.71 -0.62
CA ILE A 260 10.71 -40.40 -0.62
C ILE A 260 10.93 -41.12 -1.96
N GLU B 25 2.16 -24.47 27.93
CA GLU B 25 2.00 -24.86 26.54
C GLU B 25 0.70 -24.30 25.97
N VAL B 26 0.81 -23.53 24.88
CA VAL B 26 -0.36 -23.01 24.18
C VAL B 26 -1.02 -24.14 23.40
N GLN B 27 -2.35 -24.23 23.51
CA GLN B 27 -3.07 -25.32 22.86
C GLN B 27 -4.42 -24.85 22.35
N LEU B 28 -4.82 -25.40 21.19
CA LEU B 28 -6.14 -25.20 20.62
C LEU B 28 -6.76 -26.55 20.34
N VAL B 29 -8.05 -26.69 20.65
CA VAL B 29 -8.78 -27.93 20.44
C VAL B 29 -10.10 -27.60 19.77
N GLU B 30 -10.26 -28.03 18.52
CA GLU B 30 -11.54 -27.91 17.83
C GLU B 30 -12.43 -29.10 18.17
N SER B 31 -13.74 -28.88 18.05
CA SER B 31 -14.72 -29.95 18.19
C SER B 31 -16.02 -29.48 17.55
N GLY B 32 -17.01 -30.37 17.50
CA GLY B 32 -18.30 -30.04 16.96
C GLY B 32 -18.55 -30.51 15.53
N GLY B 33 -17.55 -31.09 14.88
CA GLY B 33 -17.76 -31.62 13.54
C GLY B 33 -18.59 -32.88 13.56
N GLY B 34 -18.93 -33.35 12.37
CA GLY B 34 -19.68 -34.57 12.24
C GLY B 34 -20.24 -34.74 10.83
N LEU B 35 -21.09 -35.74 10.70
CA LEU B 35 -21.77 -36.05 9.45
C LEU B 35 -23.14 -35.39 9.45
N VAL B 36 -23.41 -34.52 8.49
CA VAL B 36 -24.66 -33.77 8.42
C VAL B 36 -25.18 -33.77 6.99
N GLN B 37 -26.51 -33.71 6.86
CA GLN B 37 -27.09 -33.67 5.53
C GLN B 37 -26.97 -32.27 4.92
N PRO B 38 -26.94 -32.17 3.59
CA PRO B 38 -26.89 -30.85 2.94
C PRO B 38 -28.04 -29.97 3.37
N GLY B 39 -27.79 -28.66 3.37
CA GLY B 39 -28.75 -27.71 3.89
C GLY B 39 -28.81 -27.65 5.40
N GLY B 40 -28.09 -28.52 6.11
CA GLY B 40 -28.06 -28.50 7.56
C GLY B 40 -27.13 -27.42 8.10
N SER B 41 -27.03 -27.38 9.42
CA SER B 41 -26.21 -26.41 10.12
C SER B 41 -25.23 -27.12 11.05
N LEU B 42 -24.07 -26.49 11.24
CA LEU B 42 -23.07 -27.00 12.16
C LEU B 42 -22.40 -25.84 12.88
N ARG B 43 -22.08 -26.06 14.16
CA ARG B 43 -21.39 -25.08 14.98
C ARG B 43 -20.10 -25.69 15.49
N LEU B 44 -18.98 -25.26 14.91
CA LEU B 44 -17.67 -25.69 15.38
C LEU B 44 -17.19 -24.78 16.49
N SER B 45 -16.51 -25.37 17.47
CA SER B 45 -15.94 -24.63 18.58
C SER B 45 -14.42 -24.80 18.59
N CYS B 46 -13.73 -23.78 19.07
CA CYS B 46 -12.27 -23.79 19.17
C CYS B 46 -11.89 -23.30 20.57
N ALA B 47 -11.53 -24.23 21.44
CA ALA B 47 -11.17 -23.88 22.81
C ALA B 47 -9.67 -23.64 22.91
N ALA B 48 -9.29 -22.57 23.60
CA ALA B 48 -7.90 -22.18 23.76
C ALA B 48 -7.46 -22.30 25.21
N SER B 49 -6.18 -22.57 25.41
CA SER B 49 -5.60 -22.63 26.74
C SER B 49 -4.11 -22.30 26.67
N GLY B 50 -3.59 -21.72 27.74
CA GLY B 50 -2.17 -21.43 27.84
C GLY B 50 -1.76 -20.02 27.46
N TYR B 51 -2.71 -19.13 27.19
CA TYR B 51 -2.38 -17.75 26.84
C TYR B 51 -3.62 -16.89 27.00
N SER B 52 -3.41 -15.58 26.89
CA SER B 52 -4.50 -14.59 26.94
C SER B 52 -5.35 -14.71 25.68
N PHE B 53 -6.53 -15.31 25.82
CA PHE B 53 -7.38 -15.59 24.66
C PHE B 53 -7.87 -14.31 23.99
N THR B 54 -8.10 -13.26 24.77
CA THR B 54 -8.80 -12.08 24.25
C THR B 54 -7.93 -11.30 23.27
N GLY B 55 -6.62 -11.23 23.52
CA GLY B 55 -5.77 -10.35 22.73
C GLY B 55 -5.44 -10.84 21.34
N TYR B 56 -5.45 -12.15 21.14
CA TYR B 56 -5.06 -12.72 19.85
C TYR B 56 -6.27 -12.90 18.93
N THR B 57 -6.02 -12.85 17.63
CA THR B 57 -7.04 -13.15 16.64
C THR B 57 -7.05 -14.64 16.33
N MET B 58 -8.24 -15.21 16.23
CA MET B 58 -8.43 -16.63 15.94
C MET B 58 -8.92 -16.78 14.51
N ASN B 59 -8.33 -17.71 13.78
CA ASN B 59 -8.69 -17.98 12.40
C ASN B 59 -9.30 -19.37 12.27
N TRP B 60 -10.16 -19.52 11.26
CA TRP B 60 -10.59 -20.85 10.81
C TRP B 60 -9.97 -21.11 9.44
N VAL B 61 -9.42 -22.31 9.26
CA VAL B 61 -8.83 -22.75 8.01
C VAL B 61 -9.33 -24.17 7.75
N ARG B 62 -9.70 -24.44 6.50
CA ARG B 62 -10.28 -25.74 6.17
C ARG B 62 -9.50 -26.39 5.03
N GLN B 63 -9.64 -27.71 4.94
CA GLN B 63 -8.94 -28.49 3.93
C GLN B 63 -9.86 -29.60 3.44
N ALA B 64 -10.39 -29.44 2.24
CA ALA B 64 -11.17 -30.51 1.62
C ALA B 64 -10.27 -31.70 1.33
N PRO B 65 -10.83 -32.90 1.24
CA PRO B 65 -10.02 -34.08 0.94
C PRO B 65 -9.24 -33.93 -0.36
N GLY B 66 -7.92 -34.09 -0.26
CA GLY B 66 -7.06 -33.99 -1.43
C GLY B 66 -6.83 -32.60 -1.96
N LYS B 67 -7.20 -31.56 -1.21
CA LYS B 67 -7.03 -30.18 -1.64
C LYS B 67 -6.15 -29.43 -0.65
N GLY B 68 -5.77 -28.21 -1.02
CA GLY B 68 -4.90 -27.40 -0.21
C GLY B 68 -5.63 -26.73 0.94
N LEU B 69 -4.90 -25.86 1.63
CA LEU B 69 -5.46 -25.12 2.75
C LEU B 69 -6.20 -23.89 2.25
N GLU B 70 -7.34 -23.61 2.88
CA GLU B 70 -8.16 -22.45 2.53
C GLU B 70 -8.55 -21.71 3.79
N TRP B 71 -8.16 -20.45 3.88
CA TRP B 71 -8.55 -19.61 5.01
C TRP B 71 -10.04 -19.30 4.93
N VAL B 72 -10.72 -19.38 6.07
CA VAL B 72 -12.17 -19.23 6.14
C VAL B 72 -12.56 -17.87 6.73
N ALA B 73 -12.19 -17.61 7.98
CA ALA B 73 -12.55 -16.37 8.65
C ALA B 73 -11.61 -16.14 9.82
N LEU B 74 -11.65 -14.91 10.34
CA LEU B 74 -10.86 -14.54 11.51
C LEU B 74 -11.72 -13.69 12.43
N ILE B 75 -11.30 -13.63 13.69
CA ILE B 75 -11.92 -12.75 14.68
C ILE B 75 -10.88 -12.42 15.74
N ASN B 76 -10.81 -11.15 16.11
CA ASN B 76 -9.98 -10.72 17.23
C ASN B 76 -10.90 -10.16 18.30
N PRO B 77 -11.06 -10.84 19.44
CA PRO B 77 -12.02 -10.35 20.45
C PRO B 77 -11.69 -8.98 20.99
N TYR B 78 -10.40 -8.68 21.18
CA TYR B 78 -10.03 -7.39 21.77
C TYR B 78 -10.30 -6.24 20.80
N LYS B 79 -9.91 -6.40 19.54
CA LYS B 79 -10.15 -5.35 18.55
C LYS B 79 -11.62 -5.22 18.18
N GLY B 80 -12.43 -6.25 18.42
CA GLY B 80 -13.81 -6.22 17.99
C GLY B 80 -14.00 -6.29 16.50
N VAL B 81 -13.17 -7.07 15.81
CA VAL B 81 -13.23 -7.18 14.35
C VAL B 81 -13.47 -8.64 13.97
N SER B 82 -14.24 -8.83 12.89
CA SER B 82 -14.41 -10.11 12.24
C SER B 82 -14.25 -9.90 10.74
N THR B 83 -13.52 -10.82 10.10
CA THR B 83 -13.26 -10.74 8.67
C THR B 83 -13.45 -12.11 8.05
N TYR B 84 -14.15 -12.17 6.93
CA TYR B 84 -14.50 -13.42 6.27
C TYR B 84 -13.85 -13.51 4.91
N ASN B 85 -13.65 -14.76 4.47
CA ASN B 85 -13.45 -15.02 3.05
C ASN B 85 -14.77 -14.78 2.33
N GLN B 86 -14.74 -13.92 1.31
CA GLN B 86 -15.96 -13.58 0.56
C GLN B 86 -16.70 -14.81 0.08
N LYS B 87 -15.99 -15.94 -0.07
CA LYS B 87 -16.63 -17.19 -0.46
C LYS B 87 -17.63 -17.66 0.60
N PHE B 88 -17.44 -17.26 1.87
CA PHE B 88 -18.26 -17.76 2.96
C PHE B 88 -18.95 -16.66 3.76
N LYS B 89 -18.87 -15.40 3.31
CA LYS B 89 -19.36 -14.29 4.13
C LYS B 89 -20.84 -14.42 4.46
N ASP B 90 -21.64 -14.92 3.52
CA ASP B 90 -23.09 -14.97 3.73
C ASP B 90 -23.49 -16.16 4.59
N ARG B 91 -22.85 -17.32 4.40
CA ARG B 91 -23.31 -18.55 5.02
C ARG B 91 -22.68 -18.85 6.38
N PHE B 92 -21.50 -18.31 6.66
CA PHE B 92 -20.77 -18.63 7.87
C PHE B 92 -20.76 -17.44 8.83
N THR B 93 -20.71 -17.76 10.13
CA THR B 93 -20.66 -16.76 11.20
C THR B 93 -19.58 -17.15 12.19
N ILE B 94 -18.66 -16.23 12.46
CA ILE B 94 -17.61 -16.43 13.44
C ILE B 94 -17.93 -15.61 14.69
N SER B 95 -17.56 -16.14 15.85
CA SER B 95 -17.88 -15.50 17.11
C SER B 95 -16.96 -16.07 18.18
N VAL B 96 -17.03 -15.47 19.39
CA VAL B 96 -16.19 -15.87 20.51
C VAL B 96 -16.98 -15.80 21.80
N ASP B 97 -16.51 -16.55 22.80
CA ASP B 97 -16.91 -16.40 24.19
C ASP B 97 -15.64 -16.34 25.01
N LYS B 98 -15.28 -15.14 25.47
CA LYS B 98 -14.02 -14.97 26.18
C LYS B 98 -14.01 -15.67 27.53
N SER B 99 -15.18 -15.84 28.14
CA SER B 99 -15.23 -16.48 29.45
C SER B 99 -14.87 -17.97 29.37
N LYS B 100 -15.15 -18.60 28.23
CA LYS B 100 -14.79 -19.99 28.01
C LYS B 100 -13.48 -20.14 27.23
N ASN B 101 -12.90 -19.04 26.77
CA ASN B 101 -11.72 -19.07 25.90
C ASN B 101 -11.98 -19.90 24.65
N THR B 102 -13.15 -19.67 24.04
CA THR B 102 -13.61 -20.49 22.93
C THR B 102 -14.16 -19.60 21.81
N ALA B 103 -13.65 -19.82 20.60
CA ALA B 103 -14.18 -19.21 19.39
C ALA B 103 -15.09 -20.21 18.67
N TYR B 104 -15.96 -19.69 17.82
CA TYR B 104 -16.99 -20.50 17.17
C TYR B 104 -17.06 -20.19 15.68
N LEU B 105 -17.52 -21.18 14.92
CA LEU B 105 -17.84 -21.03 13.51
C LEU B 105 -19.20 -21.69 13.29
N GLN B 106 -20.23 -20.89 13.06
CA GLN B 106 -21.55 -21.38 12.71
C GLN B 106 -21.65 -21.47 11.19
N MET B 107 -21.88 -22.68 10.68
CA MET B 107 -21.98 -22.93 9.25
C MET B 107 -23.41 -23.33 8.92
N ASN B 108 -24.03 -22.57 8.01
CA ASN B 108 -25.41 -22.78 7.60
C ASN B 108 -25.47 -23.12 6.12
N SER B 109 -26.59 -23.72 5.71
CA SER B 109 -26.81 -24.14 4.34
C SER B 109 -25.62 -24.97 3.82
N LEU B 110 -25.30 -26.03 4.57
CA LEU B 110 -24.12 -26.82 4.27
C LEU B 110 -24.24 -27.48 2.90
N ARG B 111 -23.15 -27.40 2.15
CA ARG B 111 -23.02 -28.07 0.86
C ARG B 111 -22.04 -29.23 0.99
N ALA B 112 -22.16 -30.20 0.08
CA ALA B 112 -21.16 -31.26 0.02
C ALA B 112 -19.76 -30.70 -0.18
N GLU B 113 -19.66 -29.52 -0.80
CA GLU B 113 -18.37 -28.87 -1.00
C GLU B 113 -17.75 -28.39 0.30
N ASP B 114 -18.53 -28.29 1.38
CA ASP B 114 -18.00 -27.92 2.68
C ASP B 114 -17.38 -29.10 3.43
N THR B 115 -17.43 -30.29 2.87
CA THR B 115 -16.74 -31.43 3.47
C THR B 115 -15.25 -31.16 3.51
N ALA B 116 -14.67 -31.19 4.72
CA ALA B 116 -13.28 -30.79 4.93
C ALA B 116 -12.93 -31.01 6.38
N VAL B 117 -11.63 -31.00 6.65
CA VAL B 117 -11.14 -30.84 8.02
C VAL B 117 -11.06 -29.35 8.30
N TYR B 118 -11.55 -28.93 9.46
CA TYR B 118 -11.58 -27.53 9.84
C TYR B 118 -10.60 -27.33 11.00
N TYR B 119 -9.65 -26.43 10.80
CA TYR B 119 -8.68 -26.05 11.83
C TYR B 119 -8.96 -24.64 12.30
N CYS B 120 -8.76 -24.39 13.59
CA CYS B 120 -8.58 -23.04 14.07
C CYS B 120 -7.10 -22.81 14.32
N ALA B 121 -6.64 -21.60 14.01
CA ALA B 121 -5.23 -21.25 14.11
C ALA B 121 -5.12 -19.86 14.72
N ARG B 122 -4.16 -19.69 15.64
CA ARG B 122 -3.97 -18.40 16.27
C ARG B 122 -3.13 -17.49 15.39
N SER B 123 -3.54 -16.22 15.32
CA SER B 123 -2.83 -15.21 14.55
C SER B 123 -2.07 -14.31 15.51
N GLY B 124 -1.91 -13.03 15.16
CA GLY B 124 -1.10 -12.12 15.95
C GLY B 124 -1.85 -11.47 17.11
N TYR B 125 -1.08 -10.88 18.00
CA TYR B 125 -1.63 -10.08 19.09
C TYR B 125 -2.12 -8.74 18.55
N TYR B 126 -3.07 -8.13 19.26
CA TYR B 126 -3.59 -6.85 18.80
C TYR B 126 -2.53 -5.75 18.87
N GLY B 127 -1.53 -5.91 19.74
CA GLY B 127 -0.46 -4.93 19.81
C GLY B 127 0.62 -5.13 18.76
N ASP B 128 0.66 -6.29 18.12
CA ASP B 128 1.68 -6.62 17.14
C ASP B 128 1.17 -6.36 15.72
N SER B 129 2.09 -6.45 14.75
CA SER B 129 1.81 -6.06 13.37
C SER B 129 2.17 -7.15 12.37
N ASP B 130 2.33 -8.39 12.81
CA ASP B 130 2.66 -9.51 11.94
C ASP B 130 1.65 -10.63 12.19
N TRP B 131 1.01 -11.09 11.12
CA TRP B 131 -0.17 -11.97 11.21
C TRP B 131 0.12 -13.31 10.53
N TYR B 132 0.94 -14.13 11.17
CA TYR B 132 1.18 -15.49 10.74
C TYR B 132 0.50 -16.46 11.71
N PHE B 133 0.22 -17.67 11.21
CA PHE B 133 -0.51 -18.66 11.99
C PHE B 133 0.50 -19.53 12.73
N ASP B 134 0.71 -19.23 14.02
CA ASP B 134 1.77 -19.88 14.79
C ASP B 134 1.28 -21.04 15.64
N VAL B 135 -0.01 -21.09 16.00
CA VAL B 135 -0.55 -22.17 16.79
C VAL B 135 -1.79 -22.71 16.09
N TRP B 136 -1.80 -24.02 15.83
CA TRP B 136 -2.91 -24.69 15.17
C TRP B 136 -3.51 -25.75 16.08
N GLY B 137 -4.83 -25.92 15.99
CA GLY B 137 -5.48 -27.04 16.62
C GLY B 137 -5.27 -28.33 15.83
N GLN B 138 -5.90 -29.39 16.30
CA GLN B 138 -5.75 -30.69 15.65
C GLN B 138 -6.70 -30.86 14.48
N GLY B 139 -7.77 -30.10 14.42
CA GLY B 139 -8.76 -30.18 13.36
C GLY B 139 -9.98 -30.99 13.78
N THR B 140 -11.11 -30.67 13.14
CA THR B 140 -12.34 -31.40 13.35
C THR B 140 -12.93 -31.75 11.98
N LEU B 141 -13.38 -32.99 11.83
CA LEU B 141 -13.85 -33.47 10.54
C LEU B 141 -15.32 -33.13 10.34
N VAL B 142 -15.63 -32.51 9.20
CA VAL B 142 -17.00 -32.21 8.82
C VAL B 142 -17.28 -32.88 7.48
N THR B 143 -18.37 -33.66 7.42
CA THR B 143 -18.77 -34.34 6.20
C THR B 143 -20.22 -34.00 5.92
N VAL B 144 -20.47 -33.39 4.76
CA VAL B 144 -21.81 -33.06 4.30
C VAL B 144 -22.17 -34.07 3.22
N SER B 145 -23.14 -34.95 3.51
CA SER B 145 -23.44 -36.05 2.62
C SER B 145 -24.89 -36.48 2.83
N SER B 146 -25.45 -37.13 1.80
CA SER B 146 -26.81 -37.62 1.89
C SER B 146 -26.94 -38.76 2.90
N ALA B 147 -25.89 -39.55 3.07
CA ALA B 147 -25.91 -40.67 4.01
C ALA B 147 -25.70 -40.18 5.45
N GLN B 157 -22.12 -45.55 -1.26
CA GLN B 157 -22.87 -46.80 -1.31
C GLN B 157 -22.07 -47.87 -2.04
N MET B 158 -21.35 -47.46 -3.07
CA MET B 158 -20.54 -48.34 -3.89
C MET B 158 -19.07 -48.15 -3.53
N THR B 159 -18.44 -49.22 -3.03
CA THR B 159 -17.02 -49.20 -2.69
C THR B 159 -16.27 -50.07 -3.68
N GLN B 160 -15.34 -49.46 -4.40
CA GLN B 160 -14.56 -50.15 -5.43
C GLN B 160 -13.16 -50.42 -4.92
N SER B 161 -12.66 -51.63 -5.20
CA SER B 161 -11.34 -52.04 -4.73
C SER B 161 -10.71 -52.97 -5.75
N PRO B 162 -9.38 -52.88 -5.94
CA PRO B 162 -8.50 -51.89 -5.32
C PRO B 162 -8.61 -50.52 -5.97
N SER B 163 -8.03 -49.49 -5.36
CA SER B 163 -8.07 -48.17 -5.96
C SER B 163 -7.15 -48.10 -7.20
N SER B 164 -6.01 -48.78 -7.15
CA SER B 164 -5.13 -48.88 -8.30
C SER B 164 -4.32 -50.15 -8.19
N LEU B 165 -3.85 -50.64 -9.34
CA LEU B 165 -3.05 -51.85 -9.38
C LEU B 165 -2.12 -51.78 -10.59
N SER B 166 -1.00 -52.50 -10.49
CA SER B 166 -0.03 -52.62 -11.56
C SER B 166 0.04 -54.06 -12.03
N ALA B 167 -0.05 -54.28 -13.33
CA ALA B 167 -0.05 -55.63 -13.89
C ALA B 167 0.71 -55.60 -15.21
N SER B 168 0.88 -56.78 -15.79
CA SER B 168 1.61 -56.96 -17.04
C SER B 168 0.66 -57.49 -18.11
N VAL B 169 1.06 -57.32 -19.37
CA VAL B 169 0.30 -57.87 -20.48
C VAL B 169 0.17 -59.37 -20.32
N GLY B 170 -1.04 -59.88 -20.53
CA GLY B 170 -1.33 -61.28 -20.34
C GLY B 170 -1.79 -61.66 -18.96
N ASP B 171 -1.65 -60.78 -17.97
CA ASP B 171 -2.10 -61.05 -16.62
C ASP B 171 -3.63 -61.15 -16.56
N ARG B 172 -4.11 -61.80 -15.51
CA ARG B 172 -5.52 -61.87 -15.20
C ARG B 172 -5.80 -60.91 -14.04
N VAL B 173 -6.69 -59.94 -14.27
CA VAL B 173 -6.95 -58.87 -13.32
C VAL B 173 -8.37 -59.02 -12.81
N THR B 174 -8.55 -58.87 -11.50
CA THR B 174 -9.86 -58.97 -10.86
C THR B 174 -10.13 -57.72 -10.06
N ILE B 175 -11.30 -57.11 -10.30
CA ILE B 175 -11.70 -55.86 -9.66
C ILE B 175 -13.03 -56.10 -8.96
N THR B 176 -13.16 -55.62 -7.74
CA THR B 176 -14.35 -55.87 -6.92
C THR B 176 -15.10 -54.58 -6.65
N CYS B 177 -16.41 -54.70 -6.53
CA CYS B 177 -17.31 -53.58 -6.26
C CYS B 177 -18.31 -54.03 -5.21
N ARG B 178 -18.30 -53.36 -4.06
CA ARG B 178 -19.16 -53.74 -2.94
C ARG B 178 -20.20 -52.66 -2.69
N ALA B 179 -21.46 -53.07 -2.66
CA ALA B 179 -22.57 -52.15 -2.45
C ALA B 179 -23.06 -52.21 -1.02
N SER B 180 -23.51 -51.06 -0.51
CA SER B 180 -24.01 -50.98 0.86
C SER B 180 -25.42 -51.56 1.01
N GLN B 181 -26.13 -51.75 -0.09
CA GLN B 181 -27.46 -52.35 -0.06
C GLN B 181 -27.55 -53.40 -1.16
N ASP B 182 -28.56 -54.27 -1.04
CA ASP B 182 -28.79 -55.30 -2.04
C ASP B 182 -29.18 -54.65 -3.36
N LEU B 183 -28.44 -54.97 -4.42
CA LEU B 183 -28.66 -54.41 -5.74
C LEU B 183 -29.16 -55.45 -6.74
N ALA B 184 -29.39 -56.68 -6.29
CA ALA B 184 -29.66 -57.81 -7.18
C ALA B 184 -28.56 -57.91 -8.22
N THR B 185 -28.86 -57.63 -9.48
CA THR B 185 -27.84 -57.59 -10.53
C THR B 185 -27.77 -56.23 -11.22
N ASP B 186 -28.22 -55.17 -10.56
CA ASP B 186 -28.30 -53.84 -11.16
C ASP B 186 -26.96 -53.12 -11.04
N VAL B 187 -25.96 -53.65 -11.74
CA VAL B 187 -24.61 -53.11 -11.70
C VAL B 187 -24.05 -53.08 -13.11
N ALA B 188 -23.38 -51.98 -13.46
CA ALA B 188 -22.69 -51.85 -14.73
C ALA B 188 -21.22 -51.60 -14.49
N TRP B 189 -20.40 -51.95 -15.48
CA TRP B 189 -18.97 -51.71 -15.45
C TRP B 189 -18.58 -50.86 -16.66
N TYR B 190 -17.71 -49.87 -16.42
CA TYR B 190 -17.27 -48.97 -17.48
C TYR B 190 -15.75 -48.93 -17.53
N GLN B 191 -15.22 -48.77 -18.74
CA GLN B 191 -13.81 -48.52 -18.96
C GLN B 191 -13.64 -47.09 -19.46
N GLN B 192 -12.59 -46.42 -18.97
CA GLN B 192 -12.29 -45.06 -19.40
C GLN B 192 -10.79 -44.91 -19.54
N LYS B 193 -10.32 -44.79 -20.78
CA LYS B 193 -8.94 -44.44 -21.04
C LYS B 193 -8.71 -42.95 -20.82
N PRO B 194 -7.47 -42.54 -20.52
CA PRO B 194 -7.20 -41.13 -20.24
C PRO B 194 -7.57 -40.23 -21.41
N GLY B 195 -8.24 -39.12 -21.09
CA GLY B 195 -8.66 -38.17 -22.10
C GLY B 195 -9.80 -38.62 -22.98
N LYS B 196 -10.44 -39.73 -22.66
CA LYS B 196 -11.54 -40.28 -23.46
C LYS B 196 -12.81 -40.33 -22.63
N ALA B 197 -13.90 -40.64 -23.31
CA ALA B 197 -15.17 -40.87 -22.64
C ALA B 197 -15.24 -42.30 -22.11
N PRO B 198 -16.01 -42.52 -21.05
CA PRO B 198 -16.25 -43.90 -20.59
C PRO B 198 -16.97 -44.71 -21.65
N LYS B 199 -16.80 -46.02 -21.57
CA LYS B 199 -17.49 -46.96 -22.44
C LYS B 199 -18.14 -48.05 -21.59
N LEU B 200 -19.36 -48.43 -21.97
CA LEU B 200 -20.04 -49.52 -21.28
C LEU B 200 -19.33 -50.84 -21.60
N LEU B 201 -19.01 -51.60 -20.55
CA LEU B 201 -18.40 -52.91 -20.67
C LEU B 201 -19.39 -54.02 -20.33
N ILE B 202 -19.93 -53.99 -19.11
CA ILE B 202 -20.80 -55.03 -18.59
C ILE B 202 -22.08 -54.36 -18.12
N TYR B 203 -23.22 -54.91 -18.49
CA TYR B 203 -24.51 -54.47 -17.97
C TYR B 203 -25.18 -55.64 -17.25
N SER B 204 -25.95 -55.29 -16.22
CA SER B 204 -26.67 -56.29 -15.42
C SER B 204 -25.71 -57.33 -14.85
N ALA B 205 -24.58 -56.86 -14.33
CA ALA B 205 -23.62 -57.63 -13.54
C ALA B 205 -22.77 -58.60 -14.37
N SER B 206 -23.35 -59.27 -15.37
CA SER B 206 -22.62 -60.34 -16.04
C SER B 206 -22.75 -60.38 -17.55
N PHE B 207 -23.49 -59.45 -18.17
CA PHE B 207 -23.73 -59.50 -19.60
C PHE B 207 -22.77 -58.59 -20.35
N LEU B 208 -22.21 -59.11 -21.44
CA LEU B 208 -21.18 -58.41 -22.21
C LEU B 208 -21.84 -57.51 -23.24
N TYR B 209 -21.57 -56.21 -23.16
CA TYR B 209 -22.11 -55.25 -24.12
C TYR B 209 -21.52 -55.50 -25.51
N SER B 210 -22.30 -55.14 -26.54
CA SER B 210 -21.91 -55.44 -27.90
C SER B 210 -20.58 -54.81 -28.26
N GLY B 211 -19.73 -55.58 -28.94
CA GLY B 211 -18.42 -55.14 -29.35
C GLY B 211 -17.35 -55.24 -28.29
N VAL B 212 -17.69 -55.61 -27.07
CA VAL B 212 -16.70 -55.71 -25.99
C VAL B 212 -16.00 -57.05 -26.09
N PRO B 213 -14.66 -57.08 -26.03
CA PRO B 213 -13.95 -58.36 -26.20
C PRO B 213 -14.32 -59.35 -25.11
N SER B 214 -14.14 -60.64 -25.43
CA SER B 214 -14.58 -61.72 -24.55
C SER B 214 -13.69 -61.90 -23.33
N ARG B 215 -12.51 -61.28 -23.30
CA ARG B 215 -11.66 -61.38 -22.13
C ARG B 215 -12.24 -60.66 -20.91
N PHE B 216 -13.24 -59.79 -21.12
CA PHE B 216 -13.91 -59.12 -20.01
C PHE B 216 -15.05 -59.99 -19.50
N SER B 217 -15.10 -60.19 -18.18
CA SER B 217 -16.13 -60.99 -17.56
C SER B 217 -16.59 -60.32 -16.27
N GLY B 218 -17.88 -60.38 -16.01
CA GLY B 218 -18.44 -59.87 -14.78
C GLY B 218 -19.33 -60.89 -14.12
N SER B 219 -19.38 -60.83 -12.79
CA SER B 219 -20.17 -61.78 -12.02
C SER B 219 -20.58 -61.14 -10.70
N GLY B 220 -21.42 -61.85 -9.96
CA GLY B 220 -21.85 -61.42 -8.65
C GLY B 220 -23.31 -60.97 -8.65
N SER B 221 -23.88 -60.95 -7.44
CA SER B 221 -25.25 -60.52 -7.24
C SER B 221 -25.44 -60.23 -5.76
N GLY B 222 -26.34 -59.30 -5.46
CA GLY B 222 -26.56 -58.88 -4.09
C GLY B 222 -25.77 -57.64 -3.74
N THR B 223 -24.60 -57.82 -3.11
CA THR B 223 -23.77 -56.71 -2.70
C THR B 223 -22.31 -56.82 -3.16
N ASP B 224 -21.87 -57.97 -3.64
CA ASP B 224 -20.49 -58.15 -4.08
C ASP B 224 -20.48 -58.44 -5.58
N PHE B 225 -19.66 -57.68 -6.31
CA PHE B 225 -19.62 -57.78 -7.76
C PHE B 225 -18.16 -57.77 -8.20
N THR B 226 -17.89 -58.43 -9.33
CA THR B 226 -16.53 -58.66 -9.78
C THR B 226 -16.42 -58.42 -11.27
N LEU B 227 -15.38 -57.70 -11.68
CA LEU B 227 -14.98 -57.60 -13.07
C LEU B 227 -13.63 -58.30 -13.22
N THR B 228 -13.54 -59.19 -14.20
CA THR B 228 -12.31 -59.93 -14.45
C THR B 228 -11.86 -59.70 -15.88
N ILE B 229 -10.58 -59.37 -16.05
CA ILE B 229 -9.93 -59.32 -17.35
C ILE B 229 -9.01 -60.52 -17.40
N SER B 230 -9.38 -61.53 -18.20
CA SER B 230 -8.67 -62.81 -18.14
C SER B 230 -7.27 -62.71 -18.71
N SER B 231 -7.07 -61.90 -19.75
CA SER B 231 -5.77 -61.78 -20.39
C SER B 231 -5.58 -60.30 -20.73
N LEU B 232 -4.82 -59.61 -19.90
CA LEU B 232 -4.67 -58.16 -20.03
C LEU B 232 -3.95 -57.81 -21.32
N GLN B 233 -4.49 -56.84 -22.05
CA GLN B 233 -3.94 -56.38 -23.32
C GLN B 233 -3.48 -54.93 -23.17
N PRO B 234 -2.60 -54.46 -24.05
CA PRO B 234 -2.11 -53.07 -23.93
C PRO B 234 -3.21 -52.03 -23.92
N GLU B 235 -4.31 -52.25 -24.64
CA GLU B 235 -5.40 -51.30 -24.68
C GLU B 235 -6.31 -51.38 -23.45
N ASP B 236 -5.97 -52.20 -22.46
CA ASP B 236 -6.81 -52.36 -21.28
C ASP B 236 -6.35 -51.53 -20.08
N PHE B 237 -5.17 -50.92 -20.16
CA PHE B 237 -4.70 -50.06 -19.08
C PHE B 237 -5.52 -48.78 -19.10
N ALA B 238 -6.35 -48.61 -18.08
CA ALA B 238 -7.31 -47.51 -17.97
C ALA B 238 -7.90 -47.56 -16.57
N THR B 239 -8.92 -46.74 -16.34
CA THR B 239 -9.66 -46.75 -15.09
C THR B 239 -11.01 -47.40 -15.33
N TYR B 240 -11.41 -48.26 -14.39
CA TYR B 240 -12.66 -48.99 -14.50
C TYR B 240 -13.59 -48.56 -13.36
N TYR B 241 -14.86 -48.37 -13.70
CA TYR B 241 -15.87 -47.92 -12.76
C TYR B 241 -17.01 -48.93 -12.72
N CYS B 242 -17.45 -49.27 -11.52
CA CYS B 242 -18.74 -49.92 -11.36
C CYS B 242 -19.81 -48.86 -11.10
N GLN B 243 -21.05 -49.23 -11.38
CA GLN B 243 -22.13 -48.26 -11.27
C GLN B 243 -23.40 -48.95 -10.80
N GLN B 244 -24.00 -48.40 -9.76
CA GLN B 244 -25.36 -48.79 -9.36
C GLN B 244 -26.34 -48.14 -10.32
N SER B 245 -27.23 -48.96 -10.89
CA SER B 245 -28.22 -48.50 -11.85
C SER B 245 -29.64 -48.59 -11.31
N GLU B 246 -29.80 -48.79 -9.99
CA GLU B 246 -31.12 -49.11 -9.48
C GLU B 246 -31.89 -47.83 -9.20
N PRO B 247 -31.46 -46.93 -8.26
CA PRO B 247 -32.09 -45.61 -8.21
C PRO B 247 -31.09 -44.46 -8.36
N GLU B 248 -31.60 -43.23 -8.35
CA GLU B 248 -30.74 -42.07 -8.30
C GLU B 248 -30.01 -42.02 -6.96
N PRO B 249 -28.83 -41.37 -6.90
CA PRO B 249 -28.14 -40.67 -7.99
C PRO B 249 -27.25 -41.58 -8.84
N TYR B 250 -27.59 -42.87 -8.93
CA TYR B 250 -26.88 -43.83 -9.76
C TYR B 250 -25.37 -43.75 -9.50
N THR B 251 -25.03 -43.97 -8.24
CA THR B 251 -23.67 -43.76 -7.77
C THR B 251 -22.67 -44.60 -8.57
N PHE B 252 -21.53 -43.99 -8.87
CA PHE B 252 -20.38 -44.71 -9.41
C PHE B 252 -19.44 -45.06 -8.27
N GLY B 253 -18.76 -46.20 -8.40
CA GLY B 253 -17.63 -46.46 -7.54
C GLY B 253 -16.51 -45.45 -7.78
N GLN B 254 -15.56 -45.43 -6.86
CA GLN B 254 -14.47 -44.47 -6.97
C GLN B 254 -13.51 -44.79 -8.10
N GLY B 255 -13.57 -46.00 -8.64
CA GLY B 255 -12.73 -46.36 -9.78
C GLY B 255 -11.53 -47.19 -9.38
N THR B 256 -11.08 -48.02 -10.31
CA THR B 256 -9.84 -48.78 -10.18
C THR B 256 -8.96 -48.46 -11.38
N LYS B 257 -7.77 -47.93 -11.11
CA LYS B 257 -6.83 -47.60 -12.18
C LYS B 257 -5.90 -48.79 -12.41
N VAL B 258 -5.92 -49.31 -13.64
CA VAL B 258 -5.05 -50.42 -14.03
C VAL B 258 -3.87 -49.84 -14.77
N GLU B 259 -2.69 -49.88 -14.14
CA GLU B 259 -1.48 -49.31 -14.69
C GLU B 259 -0.52 -50.43 -15.10
N ILE B 260 0.45 -50.07 -15.93
CA ILE B 260 1.44 -51.02 -16.41
C ILE B 260 2.58 -51.12 -15.41
N LYS B 261 2.95 -52.34 -15.07
CA LYS B 261 4.03 -52.63 -14.12
C LYS B 261 5.39 -52.27 -14.69
N GLU C 25 19.71 57.75 -24.68
CA GLU C 25 19.45 56.38 -25.12
C GLU C 25 20.38 55.40 -24.41
N VAL C 26 20.81 55.76 -23.20
CA VAL C 26 21.68 54.88 -22.41
C VAL C 26 20.90 53.61 -22.07
N GLN C 27 21.40 52.47 -22.54
CA GLN C 27 20.68 51.20 -22.41
C GLN C 27 21.60 50.13 -21.86
N LEU C 28 21.10 49.41 -20.86
CA LEU C 28 21.69 48.15 -20.39
C LEU C 28 20.66 47.05 -20.60
N VAL C 29 21.06 45.99 -21.29
CA VAL C 29 20.16 44.89 -21.62
C VAL C 29 20.76 43.60 -21.09
N GLU C 30 20.14 43.03 -20.07
CA GLU C 30 20.58 41.74 -19.53
C GLU C 30 19.98 40.60 -20.33
N SER C 31 20.70 39.48 -20.36
CA SER C 31 20.21 38.25 -20.95
C SER C 31 20.99 37.10 -20.32
N GLY C 32 20.47 35.89 -20.51
CA GLY C 32 21.13 34.70 -20.00
C GLY C 32 20.49 34.08 -18.77
N GLY C 33 19.35 34.59 -18.32
CA GLY C 33 18.66 34.01 -17.18
C GLY C 33 17.93 32.74 -17.55
N GLY C 34 17.24 32.19 -16.57
CA GLY C 34 16.42 31.02 -16.80
C GLY C 34 16.35 30.16 -15.55
N LEU C 35 15.94 28.91 -15.77
CA LEU C 35 15.68 27.94 -14.70
C LEU C 35 16.68 26.81 -14.79
N VAL C 36 17.38 26.53 -13.70
CA VAL C 36 18.38 25.47 -13.65
C VAL C 36 18.22 24.68 -12.36
N GLN C 37 18.84 23.50 -12.33
CA GLN C 37 18.83 22.69 -11.12
C GLN C 37 19.99 23.10 -10.21
N PRO C 38 19.84 22.90 -8.90
CA PRO C 38 20.92 23.23 -7.97
C PRO C 38 22.23 22.56 -8.38
N GLY C 39 23.33 23.28 -8.17
CA GLY C 39 24.62 22.84 -8.66
C GLY C 39 24.86 23.15 -10.13
N GLY C 40 23.91 23.77 -10.81
CA GLY C 40 24.07 24.13 -12.20
C GLY C 40 24.84 25.42 -12.37
N SER C 41 24.98 25.83 -13.64
CA SER C 41 25.71 27.04 -13.99
C SER C 41 24.92 27.84 -15.02
N LEU C 42 25.04 29.16 -14.91
CA LEU C 42 24.51 30.09 -15.90
C LEU C 42 25.58 31.13 -16.19
N ARG C 43 25.33 31.93 -17.22
CA ARG C 43 26.21 33.06 -17.53
C ARG C 43 25.34 34.21 -18.01
N LEU C 44 25.27 35.26 -17.21
CA LEU C 44 24.53 36.47 -17.56
C LEU C 44 25.42 37.40 -18.36
N SER C 45 24.80 38.11 -19.30
CA SER C 45 25.48 39.12 -20.10
C SER C 45 24.70 40.42 -20.02
N CYS C 46 25.42 41.53 -20.08
CA CYS C 46 24.82 42.85 -20.07
C CYS C 46 25.40 43.65 -21.23
N ALA C 47 24.55 44.01 -22.19
CA ALA C 47 24.97 44.76 -23.38
C ALA C 47 24.67 46.24 -23.15
N ALA C 48 25.74 47.03 -23.05
CA ALA C 48 25.61 48.48 -22.86
C ALA C 48 25.64 49.19 -24.21
N SER C 49 24.90 50.30 -24.28
CA SER C 49 24.86 51.12 -25.48
C SER C 49 24.48 52.54 -25.11
N GLY C 50 24.91 53.49 -25.95
CA GLY C 50 24.55 54.89 -25.78
C GLY C 50 25.59 55.75 -25.08
N TYR C 51 26.74 55.20 -24.73
CA TYR C 51 27.78 55.95 -24.04
C TYR C 51 29.11 55.23 -24.22
N SER C 52 30.18 55.92 -23.87
CA SER C 52 31.53 55.35 -23.93
C SER C 52 31.66 54.26 -22.87
N PHE C 53 31.85 53.02 -23.32
CA PHE C 53 31.75 51.86 -22.42
C PHE C 53 32.75 51.95 -21.27
N THR C 54 33.99 52.35 -21.55
CA THR C 54 35.01 52.39 -20.51
C THR C 54 34.87 53.59 -19.58
N GLY C 55 33.89 54.48 -19.82
CA GLY C 55 33.72 55.62 -18.95
C GLY C 55 33.04 55.28 -17.63
N TYR C 56 32.50 54.08 -17.49
CA TYR C 56 31.70 53.72 -16.34
C TYR C 56 32.01 52.29 -15.91
N THR C 57 31.76 52.02 -14.63
CA THR C 57 31.92 50.69 -14.05
C THR C 57 30.62 49.90 -14.22
N MET C 58 30.77 48.60 -14.43
CA MET C 58 29.64 47.69 -14.59
C MET C 58 29.49 46.84 -13.33
N ASN C 59 28.24 46.68 -12.88
CA ASN C 59 27.94 45.94 -11.66
C ASN C 59 26.83 44.94 -11.93
N TRP C 60 26.74 43.95 -11.03
CA TRP C 60 25.58 43.08 -10.94
C TRP C 60 24.99 43.21 -9.55
N VAL C 61 23.69 43.50 -9.50
CA VAL C 61 22.93 43.60 -8.25
C VAL C 61 21.73 42.69 -8.35
N ARG C 62 21.50 41.87 -7.33
CA ARG C 62 20.42 40.90 -7.38
C ARG C 62 19.38 41.17 -6.29
N GLN C 63 18.20 40.59 -6.49
CA GLN C 63 17.07 40.84 -5.59
C GLN C 63 16.24 39.55 -5.52
N ALA C 64 16.36 38.85 -4.39
CA ALA C 64 15.52 37.69 -4.13
C ALA C 64 14.05 38.12 -4.16
N PRO C 65 13.14 37.19 -4.49
CA PRO C 65 11.76 37.59 -4.89
C PRO C 65 11.11 38.67 -4.04
N GLY C 66 11.21 38.60 -2.71
CA GLY C 66 10.68 39.66 -1.89
C GLY C 66 11.63 40.06 -0.77
N LYS C 67 12.92 40.16 -1.09
CA LYS C 67 13.96 40.21 -0.07
C LYS C 67 14.96 41.34 -0.26
N GLY C 68 14.69 42.29 -1.15
CA GLY C 68 15.55 43.46 -1.26
C GLY C 68 16.77 43.26 -2.13
N LEU C 69 17.63 44.28 -2.13
CA LEU C 69 18.73 44.40 -3.08
C LEU C 69 20.06 44.02 -2.45
N GLU C 70 20.92 43.39 -3.25
CA GLU C 70 22.22 42.92 -2.78
C GLU C 70 23.23 42.97 -3.92
N TRP C 71 24.28 43.77 -3.75
CA TRP C 71 25.33 43.89 -4.76
C TRP C 71 26.15 42.61 -4.85
N VAL C 72 26.49 42.21 -6.07
CA VAL C 72 27.14 40.92 -6.34
C VAL C 72 28.61 41.11 -6.71
N ALA C 73 28.89 41.93 -7.72
CA ALA C 73 30.26 42.13 -8.17
C ALA C 73 30.31 43.37 -9.06
N LEU C 74 31.52 43.90 -9.21
CA LEU C 74 31.76 45.02 -10.11
C LEU C 74 33.00 44.74 -10.95
N ILE C 75 33.08 45.42 -12.09
CA ILE C 75 34.26 45.38 -12.94
C ILE C 75 34.43 46.77 -13.55
N ASN C 76 35.62 47.35 -13.37
CA ASN C 76 35.90 48.66 -13.91
C ASN C 76 36.71 48.50 -15.19
N PRO C 77 36.13 48.70 -16.37
CA PRO C 77 36.88 48.46 -17.61
C PRO C 77 38.01 49.43 -17.84
N TYR C 78 37.89 50.69 -17.39
CA TYR C 78 38.99 51.63 -17.56
C TYR C 78 40.16 51.27 -16.66
N LYS C 79 39.90 51.09 -15.35
CA LYS C 79 40.99 50.77 -14.43
C LYS C 79 41.50 49.36 -14.63
N GLY C 80 40.67 48.45 -15.15
CA GLY C 80 41.05 47.06 -15.21
C GLY C 80 41.12 46.44 -13.83
N VAL C 81 40.01 46.53 -13.09
CA VAL C 81 39.89 45.91 -11.78
C VAL C 81 38.51 45.30 -11.66
N SER C 82 38.41 44.26 -10.84
CA SER C 82 37.14 43.62 -10.54
C SER C 82 37.08 43.31 -9.05
N THR C 83 35.89 43.49 -8.47
CA THR C 83 35.68 43.28 -7.05
C THR C 83 34.42 42.46 -6.86
N TYR C 84 34.45 41.54 -5.89
CA TYR C 84 33.33 40.66 -5.59
C TYR C 84 32.81 40.91 -4.19
N ASN C 85 31.49 40.82 -4.03
CA ASN C 85 30.93 40.51 -2.72
C ASN C 85 31.53 39.18 -2.27
N GLN C 86 32.17 39.19 -1.09
CA GLN C 86 32.88 38.01 -0.62
C GLN C 86 31.98 36.78 -0.53
N LYS C 87 30.66 36.97 -0.56
CA LYS C 87 29.74 35.84 -0.53
C LYS C 87 29.85 35.00 -1.81
N PHE C 88 30.27 35.61 -2.92
CA PHE C 88 30.24 34.95 -4.22
C PHE C 88 31.62 34.81 -4.85
N LYS C 89 32.70 35.06 -4.11
CA LYS C 89 34.01 35.15 -4.74
C LYS C 89 34.49 33.80 -5.25
N ASP C 90 34.13 32.70 -4.58
CA ASP C 90 34.62 31.39 -4.97
C ASP C 90 33.77 30.72 -6.05
N ARG C 91 32.58 31.24 -6.34
CA ARG C 91 31.70 30.62 -7.32
C ARG C 91 31.43 31.49 -8.54
N PHE C 92 31.45 32.81 -8.40
CA PHE C 92 31.08 33.69 -9.50
C PHE C 92 32.33 34.33 -10.10
N THR C 93 32.26 34.60 -11.40
CA THR C 93 33.34 35.26 -12.11
C THR C 93 32.75 36.34 -13.00
N ILE C 94 33.25 37.56 -12.84
CA ILE C 94 32.79 38.70 -13.62
C ILE C 94 33.87 39.04 -14.65
N SER C 95 33.45 39.39 -15.85
CA SER C 95 34.39 39.72 -16.92
C SER C 95 33.71 40.70 -17.86
N VAL C 96 34.50 41.23 -18.80
CA VAL C 96 34.00 42.15 -19.81
C VAL C 96 34.61 41.81 -21.15
N ASP C 97 33.92 42.24 -22.21
CA ASP C 97 34.45 42.25 -23.57
C ASP C 97 34.30 43.70 -24.05
N LYS C 98 35.40 44.46 -23.98
CA LYS C 98 35.33 45.87 -24.31
C LYS C 98 34.96 46.10 -25.77
N SER C 99 35.31 45.16 -26.65
CA SER C 99 34.98 45.30 -28.06
C SER C 99 33.47 45.17 -28.31
N LYS C 100 32.76 44.47 -27.42
CA LYS C 100 31.33 44.29 -27.55
C LYS C 100 30.52 45.13 -26.57
N ASN C 101 31.19 45.95 -25.75
CA ASN C 101 30.53 46.76 -24.73
C ASN C 101 29.63 45.90 -23.85
N THR C 102 30.16 44.76 -23.41
CA THR C 102 29.37 43.75 -22.74
C THR C 102 30.10 43.23 -21.51
N ALA C 103 29.38 43.13 -20.40
CA ALA C 103 29.88 42.51 -19.18
C ALA C 103 29.21 41.16 -18.97
N TYR C 104 29.91 40.27 -18.29
CA TYR C 104 29.41 38.92 -18.08
C TYR C 104 29.50 38.55 -16.60
N LEU C 105 28.55 37.74 -16.16
CA LEU C 105 28.59 37.13 -14.82
C LEU C 105 28.41 35.63 -15.00
N GLN C 106 29.49 34.88 -14.89
CA GLN C 106 29.44 33.42 -14.90
C GLN C 106 29.18 32.95 -13.47
N MET C 107 28.08 32.24 -13.27
CA MET C 107 27.69 31.74 -11.96
C MET C 107 27.79 30.22 -11.96
N ASN C 108 28.65 29.67 -11.11
CA ASN C 108 28.80 28.23 -10.95
C ASN C 108 28.26 27.79 -9.60
N SER C 109 27.88 26.51 -9.53
CA SER C 109 27.39 25.90 -8.30
C SER C 109 26.22 26.69 -7.71
N LEU C 110 25.21 26.92 -8.53
CA LEU C 110 24.06 27.70 -8.11
C LEU C 110 23.24 26.94 -7.08
N ARG C 111 22.81 27.65 -6.04
CA ARG C 111 21.95 27.10 -5.01
C ARG C 111 20.55 27.70 -5.13
N ALA C 112 19.60 27.08 -4.45
CA ALA C 112 18.23 27.60 -4.44
C ALA C 112 18.19 29.05 -3.93
N GLU C 113 19.05 29.38 -2.97
CA GLU C 113 19.10 30.73 -2.42
C GLU C 113 19.61 31.77 -3.41
N ASP C 114 20.19 31.34 -4.53
CA ASP C 114 20.59 32.27 -5.58
C ASP C 114 19.42 32.69 -6.47
N THR C 115 18.23 32.11 -6.26
CA THR C 115 17.06 32.51 -7.01
C THR C 115 16.75 33.98 -6.77
N ALA C 116 16.83 34.78 -7.82
CA ALA C 116 16.64 36.22 -7.71
C ALA C 116 16.54 36.82 -9.10
N VAL C 117 16.11 38.08 -9.15
CA VAL C 117 16.29 38.91 -10.33
C VAL C 117 17.69 39.51 -10.27
N TYR C 118 18.44 39.39 -11.37
CA TYR C 118 19.81 39.88 -11.43
C TYR C 118 19.84 41.13 -12.32
N TYR C 119 20.15 42.26 -11.71
CA TYR C 119 20.20 43.54 -12.42
C TYR C 119 21.63 43.87 -12.81
N CYS C 120 21.81 44.19 -14.09
CA CYS C 120 23.01 44.90 -14.50
C CYS C 120 22.86 46.37 -14.15
N ALA C 121 23.83 46.91 -13.42
CA ALA C 121 23.77 48.28 -12.92
C ALA C 121 25.06 48.99 -13.27
N ARG C 122 24.96 50.03 -14.08
CA ARG C 122 26.09 50.91 -14.35
C ARG C 122 26.28 51.85 -13.17
N SER C 123 27.51 51.97 -12.68
CA SER C 123 27.84 52.91 -11.62
C SER C 123 28.73 54.01 -12.15
N GLY C 124 28.44 55.24 -11.74
CA GLY C 124 29.13 56.42 -12.26
C GLY C 124 30.01 57.07 -11.21
N TYR C 125 31.08 57.70 -11.68
CA TYR C 125 32.04 58.37 -10.81
C TYR C 125 31.55 59.78 -10.48
N TYR C 126 31.56 60.12 -9.20
CA TYR C 126 31.23 61.46 -8.76
C TYR C 126 32.37 62.11 -7.99
N GLY C 127 33.56 61.52 -8.02
CA GLY C 127 34.72 62.10 -7.38
C GLY C 127 34.97 61.48 -6.02
N ASP C 128 36.26 61.46 -5.64
CA ASP C 128 36.67 61.06 -4.29
C ASP C 128 36.23 59.64 -3.97
N SER C 129 36.49 58.70 -4.89
CA SER C 129 36.20 57.28 -4.74
C SER C 129 34.72 56.99 -4.54
N ASP C 130 33.82 57.91 -4.91
CA ASP C 130 32.38 57.73 -4.75
C ASP C 130 31.78 57.27 -6.07
N TRP C 131 31.14 56.10 -6.06
CA TRP C 131 30.44 55.57 -7.22
C TRP C 131 28.99 55.29 -6.87
N TYR C 132 28.09 55.59 -7.80
CA TYR C 132 26.66 55.42 -7.59
C TYR C 132 26.03 54.77 -8.80
N PHE C 133 25.09 53.85 -8.55
CA PHE C 133 24.38 53.15 -9.62
C PHE C 133 23.41 54.13 -10.28
N ASP C 134 23.76 54.62 -11.46
CA ASP C 134 22.97 55.64 -12.13
C ASP C 134 22.09 55.10 -13.27
N VAL C 135 22.43 53.95 -13.84
CA VAL C 135 21.62 53.34 -14.89
C VAL C 135 21.43 51.86 -14.56
N TRP C 136 20.17 51.40 -14.61
CA TRP C 136 19.81 50.04 -14.25
C TRP C 136 19.12 49.37 -15.43
N GLY C 137 19.53 48.15 -15.74
CA GLY C 137 18.82 47.34 -16.71
C GLY C 137 17.53 46.80 -16.14
N GLN C 138 16.72 46.19 -17.02
CA GLN C 138 15.43 45.68 -16.59
C GLN C 138 15.54 44.40 -15.75
N GLY C 139 16.72 43.82 -15.64
CA GLY C 139 16.89 42.63 -14.83
C GLY C 139 16.56 41.36 -15.60
N THR C 140 17.20 40.27 -15.19
CA THR C 140 16.96 38.96 -15.78
C THR C 140 16.70 37.97 -14.65
N LEU C 141 15.69 37.12 -14.83
CA LEU C 141 15.25 36.24 -13.76
C LEU C 141 16.08 34.96 -13.75
N VAL C 142 16.53 34.56 -12.57
CA VAL C 142 17.27 33.32 -12.36
C VAL C 142 16.57 32.52 -11.29
N THR C 143 16.16 31.30 -11.62
CA THR C 143 15.50 30.41 -10.68
C THR C 143 16.31 29.12 -10.59
N VAL C 144 16.71 28.77 -9.38
CA VAL C 144 17.46 27.54 -9.11
C VAL C 144 16.58 26.67 -8.23
N SER C 145 16.01 25.62 -8.82
CA SER C 145 15.06 24.79 -8.10
C SER C 145 15.21 23.34 -8.53
N SER C 146 14.93 22.43 -7.60
CA SER C 146 15.04 20.99 -7.84
C SER C 146 14.14 20.55 -8.99
N GLN C 157 0.68 17.08 -0.95
CA GLN C 157 0.49 15.96 -0.05
C GLN C 157 -0.60 16.26 1.00
N MET C 158 -0.46 17.39 1.70
CA MET C 158 -1.38 17.81 2.74
C MET C 158 -1.57 19.32 2.63
N THR C 159 -2.65 19.74 2.00
CA THR C 159 -2.93 21.17 1.77
C THR C 159 -3.95 21.66 2.79
N GLN C 160 -3.56 22.65 3.58
CA GLN C 160 -4.40 23.20 4.63
C GLN C 160 -4.86 24.59 4.24
N SER C 161 -6.12 24.92 4.56
CA SER C 161 -6.68 26.20 4.16
C SER C 161 -7.72 26.65 5.17
N PRO C 162 -7.80 27.95 5.47
CA PRO C 162 -6.88 28.98 4.96
C PRO C 162 -5.55 28.98 5.69
N SER C 163 -4.57 29.75 5.21
CA SER C 163 -3.32 29.87 5.94
C SER C 163 -3.43 30.82 7.11
N SER C 164 -4.42 31.72 7.10
CA SER C 164 -4.60 32.68 8.18
C SER C 164 -6.03 33.20 8.13
N LEU C 165 -6.55 33.61 9.28
CA LEU C 165 -7.89 34.18 9.34
C LEU C 165 -8.03 35.03 10.60
N SER C 166 -8.90 36.02 10.52
CA SER C 166 -9.21 36.91 11.64
C SER C 166 -10.67 36.73 12.03
N ALA C 167 -10.90 36.43 13.30
CA ALA C 167 -12.26 36.24 13.82
C ALA C 167 -12.34 36.81 15.22
N SER C 168 -13.53 36.75 15.80
CA SER C 168 -13.80 37.30 17.12
C SER C 168 -14.29 36.20 18.05
N VAL C 169 -14.18 36.48 19.36
CA VAL C 169 -14.73 35.57 20.36
C VAL C 169 -16.21 35.36 20.08
N GLY C 170 -16.64 34.10 20.10
CA GLY C 170 -18.00 33.74 19.74
C GLY C 170 -18.20 33.36 18.31
N ASP C 171 -17.24 33.64 17.43
CA ASP C 171 -17.38 33.29 16.02
C ASP C 171 -17.23 31.80 15.81
N ARG C 172 -17.88 31.30 14.76
CA ARG C 172 -17.69 29.95 14.29
C ARG C 172 -16.62 29.95 13.21
N VAL C 173 -15.62 29.09 13.37
CA VAL C 173 -14.45 29.07 12.49
C VAL C 173 -14.30 27.68 11.90
N THR C 174 -14.09 27.61 10.59
CA THR C 174 -13.95 26.35 9.87
C THR C 174 -12.60 26.30 9.18
N ILE C 175 -11.87 25.20 9.38
CA ILE C 175 -10.55 24.98 8.81
C ILE C 175 -10.60 23.73 7.94
N THR C 176 -9.99 23.82 6.76
CA THR C 176 -10.07 22.78 5.74
C THR C 176 -8.70 22.17 5.50
N CYS C 177 -8.67 20.84 5.35
CA CYS C 177 -7.45 20.09 5.07
C CYS C 177 -7.73 19.10 3.95
N ARG C 178 -7.01 19.23 2.83
CA ARG C 178 -7.20 18.37 1.67
C ARG C 178 -5.95 17.53 1.46
N ALA C 179 -6.14 16.21 1.40
CA ALA C 179 -5.05 15.29 1.17
C ALA C 179 -4.99 14.91 -0.31
N SER C 180 -3.77 14.70 -0.81
CA SER C 180 -3.60 14.37 -2.21
C SER C 180 -4.02 12.94 -2.53
N GLN C 181 -4.14 12.08 -1.52
CA GLN C 181 -4.61 10.72 -1.72
C GLN C 181 -5.58 10.36 -0.60
N ASP C 182 -6.37 9.31 -0.83
CA ASP C 182 -7.36 8.88 0.15
C ASP C 182 -6.68 8.46 1.45
N LEU C 183 -7.17 9.00 2.56
CA LEU C 183 -6.64 8.70 3.89
C LEU C 183 -7.68 8.04 4.77
N ALA C 184 -8.85 7.69 4.23
CA ALA C 184 -9.99 7.24 5.03
C ALA C 184 -10.26 8.25 6.14
N THR C 185 -10.08 7.83 7.40
CA THR C 185 -10.19 8.75 8.53
C THR C 185 -8.87 8.81 9.31
N ASP C 186 -7.74 8.67 8.63
CA ASP C 186 -6.43 8.73 9.29
C ASP C 186 -5.90 10.17 9.27
N VAL C 187 -6.56 11.01 10.06
CA VAL C 187 -6.23 12.43 10.15
C VAL C 187 -6.29 12.87 11.60
N ALA C 188 -5.29 13.64 12.03
CA ALA C 188 -5.25 14.23 13.35
C ALA C 188 -5.19 15.75 13.24
N TRP C 189 -5.68 16.43 14.26
CA TRP C 189 -5.65 17.89 14.35
C TRP C 189 -4.90 18.31 15.60
N TYR C 190 -4.08 19.36 15.48
CA TYR C 190 -3.26 19.84 16.57
C TYR C 190 -3.42 21.35 16.73
N GLN C 191 -3.17 21.83 17.94
CA GLN C 191 -3.20 23.24 18.27
C GLN C 191 -1.85 23.65 18.85
N GLN C 192 -1.35 24.81 18.44
CA GLN C 192 -0.06 25.27 18.94
C GLN C 192 -0.09 26.76 19.21
N LYS C 193 0.26 27.15 20.43
CA LYS C 193 0.43 28.53 20.81
C LYS C 193 1.89 28.93 20.69
N PRO C 194 2.18 30.23 20.54
CA PRO C 194 3.56 30.66 20.32
C PRO C 194 4.47 30.28 21.47
N GLY C 195 5.66 29.80 21.12
CA GLY C 195 6.62 29.35 22.12
C GLY C 195 6.20 28.11 22.89
N LYS C 196 5.26 27.33 22.34
CA LYS C 196 4.72 26.18 23.04
C LYS C 196 4.71 24.96 22.12
N ALA C 197 4.71 23.78 22.72
CA ALA C 197 4.61 22.55 21.95
C ALA C 197 3.19 22.34 21.45
N PRO C 198 3.02 21.66 20.31
CA PRO C 198 1.67 21.36 19.83
C PRO C 198 0.90 20.50 20.83
N LYS C 199 -0.42 20.67 20.82
CA LYS C 199 -1.33 19.86 21.62
C LYS C 199 -2.27 19.12 20.68
N LEU C 200 -2.48 17.84 20.95
CA LEU C 200 -3.42 17.06 20.18
C LEU C 200 -4.85 17.47 20.51
N LEU C 201 -5.67 17.59 19.47
CA LEU C 201 -7.09 17.92 19.62
C LEU C 201 -7.99 16.75 19.20
N ILE C 202 -7.80 16.27 17.98
CA ILE C 202 -8.67 15.27 17.37
C ILE C 202 -7.78 14.29 16.63
N TYR C 203 -8.14 13.00 16.68
CA TYR C 203 -7.56 12.01 15.81
C TYR C 203 -8.69 11.15 15.25
N SER C 204 -8.33 10.29 14.28
CA SER C 204 -9.33 9.50 13.56
C SER C 204 -10.39 10.40 12.92
N ALA C 205 -9.96 11.58 12.45
CA ALA C 205 -10.75 12.57 11.73
C ALA C 205 -11.77 13.29 12.61
N SER C 206 -12.40 12.59 13.55
CA SER C 206 -13.48 13.18 14.31
C SER C 206 -13.48 12.84 15.80
N PHE C 207 -12.56 12.00 16.28
CA PHE C 207 -12.58 11.54 17.67
C PHE C 207 -11.87 12.54 18.56
N LEU C 208 -12.59 13.09 19.53
CA LEU C 208 -12.07 14.16 20.37
C LEU C 208 -11.12 13.59 21.41
N TYR C 209 -9.91 14.17 21.49
CA TYR C 209 -8.94 13.75 22.49
C TYR C 209 -9.39 14.19 23.89
N SER C 210 -8.84 13.51 24.89
CA SER C 210 -9.24 13.75 26.28
C SER C 210 -8.95 15.19 26.69
N GLY C 211 -9.89 15.78 27.43
CA GLY C 211 -9.74 17.12 27.92
C GLY C 211 -9.97 18.22 26.90
N VAL C 212 -10.28 17.87 25.65
CA VAL C 212 -10.51 18.86 24.60
C VAL C 212 -11.97 19.29 24.62
N PRO C 213 -12.26 20.59 24.61
CA PRO C 213 -13.65 21.04 24.71
C PRO C 213 -14.46 20.62 23.49
N SER C 214 -15.75 20.34 23.73
CA SER C 214 -16.62 19.81 22.69
C SER C 214 -16.95 20.82 21.59
N ARG C 215 -16.60 22.09 21.76
CA ARG C 215 -16.80 23.07 20.70
C ARG C 215 -15.86 22.84 19.52
N PHE C 216 -14.81 22.05 19.71
CA PHE C 216 -13.99 21.56 18.62
C PHE C 216 -14.63 20.29 18.06
N SER C 217 -14.75 20.23 16.74
CA SER C 217 -15.25 19.02 16.10
C SER C 217 -14.54 18.83 14.78
N GLY C 218 -14.23 17.57 14.46
CA GLY C 218 -13.62 17.22 13.20
C GLY C 218 -14.59 16.38 12.38
N SER C 219 -14.46 16.46 11.06
CA SER C 219 -15.28 15.67 10.16
C SER C 219 -14.50 15.44 8.87
N GLY C 220 -15.05 14.59 8.03
CA GLY C 220 -14.46 14.32 6.74
C GLY C 220 -13.99 12.87 6.62
N SER C 221 -13.77 12.46 5.37
CA SER C 221 -13.35 11.11 5.07
C SER C 221 -12.81 11.07 3.65
N GLY C 222 -11.68 10.39 3.47
CA GLY C 222 -11.08 10.28 2.15
C GLY C 222 -10.00 11.29 1.89
N THR C 223 -10.35 12.39 1.23
CA THR C 223 -9.38 13.43 0.89
C THR C 223 -9.69 14.78 1.50
N ASP C 224 -10.93 15.06 1.90
CA ASP C 224 -11.32 16.36 2.43
C ASP C 224 -11.66 16.22 3.91
N PHE C 225 -11.09 17.10 4.72
CA PHE C 225 -11.30 17.06 6.17
C PHE C 225 -11.52 18.47 6.68
N THR C 226 -12.22 18.57 7.81
CA THR C 226 -12.66 19.85 8.33
C THR C 226 -12.53 19.88 9.84
N LEU C 227 -11.94 20.95 10.36
CA LEU C 227 -11.93 21.24 11.79
C LEU C 227 -12.80 22.47 12.01
N THR C 228 -13.78 22.34 12.91
CA THR C 228 -14.70 23.43 13.21
C THR C 228 -14.61 23.78 14.69
N ILE C 229 -14.52 25.08 14.97
CA ILE C 229 -14.66 25.61 16.32
C ILE C 229 -16.00 26.35 16.34
N SER C 230 -16.97 25.79 17.07
CA SER C 230 -18.33 26.31 16.99
C SER C 230 -18.46 27.70 17.57
N SER C 231 -17.64 28.03 18.56
CA SER C 231 -17.73 29.34 19.24
C SER C 231 -16.34 29.66 19.77
N LEU C 232 -15.63 30.55 19.06
CA LEU C 232 -14.27 30.91 19.42
C LEU C 232 -14.22 31.47 20.84
N GLN C 233 -13.30 30.96 21.65
CA GLN C 233 -13.04 31.47 22.97
C GLN C 233 -11.64 32.06 23.03
N PRO C 234 -11.35 32.93 24.01
CA PRO C 234 -10.03 33.60 24.03
C PRO C 234 -8.84 32.66 23.97
N GLU C 235 -8.95 31.46 24.54
CA GLU C 235 -7.84 30.52 24.52
C GLU C 235 -7.72 29.74 23.22
N ASP C 236 -8.59 30.02 22.23
CA ASP C 236 -8.57 29.30 20.98
C ASP C 236 -7.76 29.99 19.89
N PHE C 237 -7.32 31.23 20.11
CA PHE C 237 -6.50 31.92 19.14
C PHE C 237 -5.09 31.32 19.17
N ALA C 238 -4.70 30.71 18.06
CA ALA C 238 -3.46 29.95 17.96
C ALA C 238 -3.26 29.47 16.53
N THR C 239 -2.35 28.53 16.31
CA THR C 239 -2.13 27.94 15.00
C THR C 239 -2.57 26.48 15.05
N TYR C 240 -3.30 26.05 14.03
CA TYR C 240 -3.87 24.72 13.97
C TYR C 240 -3.26 23.94 12.81
N TYR C 241 -3.02 22.65 13.03
CA TYR C 241 -2.38 21.79 12.05
C TYR C 241 -3.20 20.52 11.87
N CYS C 242 -3.47 20.15 10.62
CA CYS C 242 -3.89 18.80 10.31
C CYS C 242 -2.67 17.94 10.03
N GLN C 243 -2.85 16.62 10.11
CA GLN C 243 -1.74 15.70 9.93
C GLN C 243 -2.25 14.38 9.39
N GLN C 244 -1.55 13.86 8.38
CA GLN C 244 -1.71 12.47 7.97
C GLN C 244 -1.27 11.59 9.13
N SER C 245 -2.24 11.01 9.85
CA SER C 245 -1.91 10.28 11.07
C SER C 245 -1.16 8.98 10.78
N GLU C 246 -1.30 8.44 9.57
CA GLU C 246 -0.79 7.12 9.22
C GLU C 246 -0.56 7.02 7.73
N PRO C 247 0.59 6.49 7.27
CA PRO C 247 1.77 6.16 8.07
C PRO C 247 2.85 7.22 7.88
N GLU C 248 4.11 6.78 7.70
CA GLU C 248 5.18 7.72 7.41
C GLU C 248 4.88 8.46 6.11
N PRO C 249 5.32 9.72 5.98
CA PRO C 249 6.08 10.48 6.98
C PRO C 249 5.21 11.31 7.93
N TYR C 250 3.95 10.91 8.11
CA TYR C 250 3.03 11.58 9.03
C TYR C 250 2.94 13.07 8.72
N THR C 251 2.62 13.38 7.46
CA THR C 251 2.76 14.74 6.94
C THR C 251 1.81 15.69 7.64
N PHE C 252 2.35 16.79 8.18
CA PHE C 252 1.55 17.87 8.72
C PHE C 252 1.15 18.84 7.62
N GLY C 253 0.00 19.47 7.80
CA GLY C 253 -0.37 20.59 6.96
C GLY C 253 0.46 21.83 7.29
N GLN C 254 0.36 22.82 6.41
CA GLN C 254 1.14 24.04 6.60
C GLN C 254 0.69 24.84 7.82
N GLY C 255 -0.50 24.58 8.33
CA GLY C 255 -0.99 25.29 9.50
C GLY C 255 -1.98 26.37 9.13
N THR C 256 -2.85 26.70 10.08
CA THR C 256 -3.80 27.80 9.95
C THR C 256 -3.69 28.67 11.19
N LYS C 257 -3.33 29.94 11.01
CA LYS C 257 -3.22 30.87 12.12
C LYS C 257 -4.57 31.55 12.34
N VAL C 258 -5.14 31.33 13.53
CA VAL C 258 -6.42 31.91 13.91
C VAL C 258 -6.11 33.06 14.87
N GLU C 259 -6.16 34.29 14.37
CA GLU C 259 -5.86 35.48 15.15
C GLU C 259 -7.10 36.33 15.33
N ILE C 260 -7.05 37.21 16.31
CA ILE C 260 -8.21 37.98 16.70
C ILE C 260 -8.27 39.29 15.93
N LYS C 261 -9.50 39.74 15.66
CA LYS C 261 -9.80 41.10 15.22
C LYS C 261 -11.31 41.25 15.04
N GLU D 25 3.63 11.78 36.78
CA GLU D 25 3.20 12.65 35.68
C GLU D 25 3.84 12.21 34.36
N VAL D 26 3.06 12.22 33.28
CA VAL D 26 3.55 11.84 31.96
C VAL D 26 4.24 13.04 31.33
N GLN D 27 5.52 12.87 31.02
CA GLN D 27 6.33 13.99 30.51
C GLN D 27 7.39 13.47 29.54
N LEU D 28 7.80 14.37 28.64
CA LEU D 28 8.98 14.20 27.83
C LEU D 28 9.83 15.46 27.98
N VAL D 29 11.14 15.27 28.17
CA VAL D 29 12.05 16.39 28.39
C VAL D 29 13.17 16.28 27.37
N GLU D 30 13.25 17.22 26.44
CA GLU D 30 14.37 17.27 25.51
C GLU D 30 15.58 17.93 26.17
N SER D 31 16.75 17.58 25.65
CA SER D 31 18.01 18.14 26.14
C SER D 31 19.07 17.85 25.08
N GLY D 32 20.11 18.68 25.06
CA GLY D 32 21.19 18.54 24.11
C GLY D 32 21.21 19.57 23.01
N GLY D 33 20.24 20.47 22.96
CA GLY D 33 20.23 21.50 21.95
C GLY D 33 21.14 22.67 22.28
N GLY D 34 21.47 23.43 21.24
CA GLY D 34 22.33 24.59 21.41
C GLY D 34 22.90 25.01 20.08
N LEU D 35 23.88 25.91 20.15
CA LEU D 35 24.54 26.40 18.95
C LEU D 35 25.57 25.41 18.47
N VAL D 36 25.57 25.13 17.17
CA VAL D 36 26.51 24.23 16.53
C VAL D 36 26.89 24.85 15.19
N GLN D 37 28.15 24.68 14.80
CA GLN D 37 28.78 25.17 13.59
C GLN D 37 28.44 24.25 12.41
N PRO D 38 28.13 24.85 11.25
CA PRO D 38 27.73 24.04 10.08
C PRO D 38 28.71 22.92 9.78
N GLY D 39 28.17 21.80 9.33
CA GLY D 39 28.94 20.58 9.15
C GLY D 39 29.20 19.81 10.43
N GLY D 40 28.84 20.36 11.58
CA GLY D 40 29.12 19.74 12.86
C GLY D 40 28.17 18.60 13.18
N SER D 41 28.14 18.23 14.45
CA SER D 41 27.35 17.10 14.92
C SER D 41 26.69 17.47 16.23
N LEU D 42 25.58 16.81 16.52
CA LEU D 42 24.83 17.09 17.74
C LEU D 42 24.01 15.87 18.12
N ARG D 43 23.79 15.71 19.42
CA ARG D 43 23.10 14.54 19.97
C ARG D 43 22.03 15.02 20.93
N LEU D 44 20.76 14.79 20.57
CA LEU D 44 19.63 15.15 21.40
C LEU D 44 19.16 13.95 22.19
N SER D 45 18.74 14.18 23.44
CA SER D 45 18.20 13.14 24.30
C SER D 45 16.80 13.52 24.76
N CYS D 46 15.97 12.49 24.97
CA CYS D 46 14.58 12.68 25.34
C CYS D 46 14.24 11.73 26.49
N ALA D 47 14.01 12.28 27.67
CA ALA D 47 13.74 11.49 28.87
C ALA D 47 12.24 11.33 29.04
N ALA D 48 11.74 10.12 28.82
CA ALA D 48 10.35 9.78 29.05
C ALA D 48 10.14 9.38 30.51
N SER D 49 9.00 9.79 31.07
CA SER D 49 8.67 9.45 32.44
C SER D 49 7.16 9.40 32.62
N GLY D 50 6.72 8.54 33.54
CA GLY D 50 5.32 8.44 33.89
C GLY D 50 4.52 7.44 33.10
N TYR D 51 5.14 6.69 32.19
CA TYR D 51 4.41 5.70 31.41
C TYR D 51 5.35 4.60 30.97
N SER D 52 4.77 3.51 30.46
CA SER D 52 5.55 2.36 30.01
C SER D 52 6.21 2.66 28.68
N PHE D 53 7.54 2.56 28.64
CA PHE D 53 8.30 3.02 27.49
C PHE D 53 8.07 2.14 26.26
N THR D 54 7.80 0.85 26.43
CA THR D 54 7.67 -0.07 25.31
C THR D 54 6.27 -0.09 24.70
N GLY D 55 5.27 0.48 25.37
CA GLY D 55 3.93 0.51 24.82
C GLY D 55 3.69 1.56 23.75
N TYR D 56 4.69 2.34 23.40
CA TYR D 56 4.52 3.46 22.47
C TYR D 56 5.71 3.55 21.54
N THR D 57 5.56 4.38 20.50
CA THR D 57 6.64 4.76 19.61
C THR D 57 7.13 6.15 19.96
N MET D 58 8.45 6.35 19.89
CA MET D 58 9.06 7.65 20.13
C MET D 58 9.34 8.33 18.81
N ASN D 59 9.07 9.64 18.75
CA ASN D 59 9.25 10.41 17.53
C ASN D 59 10.10 11.63 17.81
N TRP D 60 10.71 12.15 16.75
CA TRP D 60 11.34 13.46 16.75
C TRP D 60 10.66 14.32 15.70
N VAL D 61 10.18 15.49 16.12
CA VAL D 61 9.51 16.43 15.23
C VAL D 61 10.20 17.78 15.36
N ARG D 62 10.55 18.38 14.22
CA ARG D 62 11.25 19.66 14.23
C ARG D 62 10.37 20.73 13.59
N GLN D 63 10.63 21.97 13.98
CA GLN D 63 9.87 23.12 13.51
C GLN D 63 10.85 24.27 13.29
N ALA D 64 11.16 24.54 12.01
CA ALA D 64 11.94 25.72 11.69
C ALA D 64 11.20 26.96 12.14
N PRO D 65 11.92 27.99 12.59
CA PRO D 65 11.26 29.19 13.13
C PRO D 65 10.33 29.83 12.10
N GLY D 66 9.10 30.08 12.52
CA GLY D 66 8.08 30.62 11.65
C GLY D 66 7.53 29.65 10.61
N LYS D 67 7.98 28.40 10.62
CA LYS D 67 7.52 27.40 9.67
C LYS D 67 6.52 26.45 10.33
N GLY D 68 6.23 25.34 9.66
CA GLY D 68 5.33 24.33 10.17
C GLY D 68 6.07 23.16 10.82
N LEU D 69 5.31 22.12 11.14
CA LEU D 69 5.84 20.94 11.79
C LEU D 69 6.30 19.93 10.75
N GLU D 70 7.42 19.27 11.03
CA GLU D 70 8.00 18.29 10.12
C GLU D 70 8.47 17.08 10.92
N TRP D 71 7.90 15.92 10.62
CA TRP D 71 8.32 14.69 11.28
C TRP D 71 9.71 14.28 10.81
N VAL D 72 10.58 13.94 11.75
CA VAL D 72 11.99 13.65 11.44
C VAL D 72 12.25 12.16 11.43
N ALA D 73 11.97 11.48 12.54
CA ALA D 73 12.24 10.05 12.63
C ALA D 73 11.44 9.47 13.78
N LEU D 74 11.35 8.13 13.81
CA LEU D 74 10.69 7.42 14.89
C LEU D 74 11.51 6.18 15.24
N ILE D 75 11.21 5.62 16.41
CA ILE D 75 11.79 4.36 16.84
C ILE D 75 10.79 3.65 17.75
N ASN D 76 10.56 2.37 17.46
CA ASN D 76 9.70 1.54 18.30
C ASN D 76 10.60 0.70 19.20
N PRO D 77 10.67 1.00 20.50
CA PRO D 77 11.55 0.20 21.38
C PRO D 77 11.13 -1.24 21.49
N TYR D 78 9.82 -1.49 21.62
CA TYR D 78 9.31 -2.86 21.71
C TYR D 78 9.64 -3.64 20.44
N LYS D 79 9.27 -3.10 19.28
CA LYS D 79 9.50 -3.78 18.02
C LYS D 79 10.94 -3.66 17.53
N GLY D 80 11.75 -2.78 18.12
CA GLY D 80 13.13 -2.61 17.67
C GLY D 80 13.24 -2.13 16.24
N VAL D 81 12.34 -1.25 15.81
CA VAL D 81 12.30 -0.75 14.45
C VAL D 81 12.48 0.76 14.48
N SER D 82 13.28 1.28 13.55
CA SER D 82 13.43 2.71 13.34
C SER D 82 12.96 3.04 11.93
N THR D 83 12.44 4.25 11.77
CA THR D 83 12.01 4.73 10.46
C THR D 83 12.34 6.22 10.37
N TYR D 84 12.77 6.65 9.18
CA TYR D 84 13.28 8.00 8.99
C TYR D 84 12.53 8.68 7.85
N ASN D 85 12.29 9.98 8.03
CA ASN D 85 11.98 10.82 6.88
C ASN D 85 13.13 10.73 5.90
N GLN D 86 12.81 10.62 4.61
CA GLN D 86 13.85 10.41 3.62
C GLN D 86 14.79 11.61 3.50
N LYS D 87 14.40 12.78 4.02
CA LYS D 87 15.29 13.92 4.02
C LYS D 87 16.46 13.74 4.97
N PHE D 88 16.40 12.77 5.89
CA PHE D 88 17.37 12.67 6.97
C PHE D 88 17.91 11.26 7.17
N LYS D 89 17.65 10.32 6.25
CA LYS D 89 17.94 8.92 6.54
C LYS D 89 19.44 8.67 6.66
N ASP D 90 20.25 9.30 5.82
CA ASP D 90 21.68 9.05 5.83
C ASP D 90 22.37 9.80 6.96
N ARG D 91 21.97 11.05 7.21
CA ARG D 91 22.70 11.90 8.13
C ARG D 91 22.32 11.66 9.58
N PHE D 92 21.04 11.41 9.85
CA PHE D 92 20.55 11.31 11.22
C PHE D 92 20.45 9.86 11.66
N THR D 93 20.61 9.65 12.96
CA THR D 93 20.51 8.32 13.56
C THR D 93 19.73 8.43 14.87
N ILE D 94 18.66 7.65 14.99
CA ILE D 94 17.81 7.64 16.17
C ILE D 94 18.05 6.34 16.92
N SER D 95 18.06 6.42 18.25
CA SER D 95 18.36 5.27 19.09
C SER D 95 17.70 5.47 20.46
N VAL D 96 17.64 4.39 21.22
CA VAL D 96 17.04 4.40 22.55
C VAL D 96 17.90 3.61 23.52
N ASP D 97 17.72 3.91 24.81
CA ASP D 97 18.26 3.11 25.91
C ASP D 97 17.05 2.75 26.77
N LYS D 98 16.58 1.52 26.64
CA LYS D 98 15.37 1.09 27.34
C LYS D 98 15.54 1.14 28.85
N SER D 99 16.78 1.10 29.36
CA SER D 99 16.98 0.97 30.80
C SER D 99 16.69 2.27 31.55
N LYS D 100 16.83 3.42 30.89
CA LYS D 100 16.48 4.69 31.50
C LYS D 100 15.47 5.46 30.67
N ASN D 101 14.66 4.74 29.87
CA ASN D 101 13.50 5.31 29.17
C ASN D 101 13.87 6.58 28.40
N THR D 102 14.97 6.52 27.66
CA THR D 102 15.49 7.70 26.97
C THR D 102 15.72 7.39 25.51
N ALA D 103 15.27 8.28 24.64
CA ALA D 103 15.56 8.21 23.21
C ALA D 103 16.64 9.22 22.86
N TYR D 104 17.31 8.97 21.73
CA TYR D 104 18.40 9.81 21.28
C TYR D 104 18.29 10.09 19.80
N LEU D 105 18.69 11.29 19.39
CA LEU D 105 18.75 11.66 17.97
C LEU D 105 20.14 12.20 17.67
N GLN D 106 20.93 11.41 16.95
CA GLN D 106 22.26 11.83 16.52
C GLN D 106 22.15 12.51 15.16
N MET D 107 22.57 13.77 15.09
CA MET D 107 22.48 14.57 13.88
C MET D 107 23.88 14.86 13.35
N ASN D 108 24.11 14.56 12.07
CA ASN D 108 25.42 14.71 11.46
C ASN D 108 25.32 15.58 10.21
N SER D 109 26.43 16.26 9.90
CA SER D 109 26.51 17.18 8.76
C SER D 109 25.41 18.23 8.83
N LEU D 110 25.30 18.87 10.00
CA LEU D 110 24.26 19.86 10.23
C LEU D 110 24.45 21.07 9.33
N ARG D 111 23.34 21.55 8.76
CA ARG D 111 23.34 22.70 7.87
C ARG D 111 22.45 23.80 8.46
N ALA D 112 22.46 24.95 7.79
CA ALA D 112 21.67 26.08 8.28
C ALA D 112 20.18 25.78 8.31
N GLU D 113 19.68 25.01 7.35
CA GLU D 113 18.27 24.68 7.30
C GLU D 113 17.85 23.62 8.32
N ASP D 114 18.80 23.09 9.10
CA ASP D 114 18.46 22.23 10.24
C ASP D 114 18.21 23.04 11.50
N THR D 115 18.33 24.37 11.44
CA THR D 115 17.96 25.22 12.55
C THR D 115 16.47 25.10 12.81
N ALA D 116 16.10 24.63 14.01
CA ALA D 116 14.71 24.38 14.34
C ALA D 116 14.61 24.04 15.82
N VAL D 117 13.39 24.12 16.34
CA VAL D 117 13.06 23.53 17.63
C VAL D 117 12.76 22.06 17.41
N TYR D 118 13.42 21.19 18.16
CA TYR D 118 13.29 19.74 17.99
C TYR D 118 12.46 19.18 19.13
N TYR D 119 11.31 18.60 18.78
CA TYR D 119 10.37 18.08 19.76
C TYR D 119 10.47 16.57 19.83
N CYS D 120 10.43 16.05 21.05
CA CYS D 120 10.16 14.64 21.30
C CYS D 120 8.66 14.45 21.42
N ALA D 121 8.14 13.37 20.84
CA ALA D 121 6.70 13.17 20.81
C ALA D 121 6.37 11.67 20.87
N ARG D 122 5.38 11.33 21.69
CA ARG D 122 4.93 9.96 21.85
C ARG D 122 3.77 9.67 20.91
N SER D 123 3.77 8.48 20.32
CA SER D 123 2.72 8.11 19.38
C SER D 123 2.54 6.60 19.41
N GLY D 124 1.63 6.11 18.56
CA GLY D 124 1.46 4.69 18.30
C GLY D 124 1.16 3.84 19.51
N TYR D 125 0.21 4.29 20.34
CA TYR D 125 -0.22 3.48 21.47
C TYR D 125 -0.71 2.13 20.98
N TYR D 126 -0.05 1.06 21.45
CA TYR D 126 -0.44 -0.29 21.05
C TYR D 126 -1.85 -0.63 21.51
N GLY D 127 -2.39 0.10 22.49
CA GLY D 127 -3.66 -0.25 23.09
C GLY D 127 -4.89 0.23 22.35
N ASP D 128 -4.74 0.97 21.25
CA ASP D 128 -5.88 1.37 20.45
C ASP D 128 -5.48 1.39 18.98
N SER D 129 -6.49 1.55 18.12
CA SER D 129 -6.32 1.34 16.68
C SER D 129 -5.70 2.54 15.99
N ASP D 130 -5.87 3.74 16.52
CA ASP D 130 -5.50 4.96 15.82
C ASP D 130 -4.07 5.38 16.16
N TRP D 131 -3.48 6.14 15.24
CA TRP D 131 -2.15 6.71 15.41
C TRP D 131 -2.27 8.21 15.64
N TYR D 132 -1.54 8.73 16.62
CA TYR D 132 -1.62 10.14 16.95
C TYR D 132 -0.47 10.48 17.90
N PHE D 133 -0.13 11.77 17.95
CA PHE D 133 0.96 12.28 18.77
C PHE D 133 0.34 12.96 19.97
N ASP D 134 0.23 12.25 21.08
CA ASP D 134 -0.52 12.77 22.23
C ASP D 134 0.33 13.48 23.27
N VAL D 135 1.60 13.09 23.42
CA VAL D 135 2.48 13.66 24.43
C VAL D 135 3.67 14.30 23.73
N TRP D 136 3.95 15.56 24.06
CA TRP D 136 5.03 16.32 23.46
C TRP D 136 5.91 16.92 24.55
N GLY D 137 7.21 16.86 24.35
CA GLY D 137 8.11 17.65 25.16
C GLY D 137 8.01 19.12 24.82
N GLN D 138 8.65 19.96 25.63
CA GLN D 138 8.63 21.39 25.35
C GLN D 138 9.64 21.81 24.30
N GLY D 139 10.46 20.90 23.82
CA GLY D 139 11.36 21.20 22.71
C GLY D 139 12.69 21.75 23.15
N THR D 140 13.72 21.45 22.36
CA THR D 140 15.05 22.01 22.55
C THR D 140 15.49 22.67 21.24
N LEU D 141 16.08 23.85 21.35
CA LEU D 141 16.46 24.64 20.18
C LEU D 141 17.83 24.21 19.67
N VAL D 142 17.91 23.96 18.36
CA VAL D 142 19.15 23.61 17.68
C VAL D 142 19.40 24.67 16.62
N THR D 143 20.40 25.51 16.84
CA THR D 143 20.75 26.59 15.94
C THR D 143 22.03 26.23 15.19
N VAL D 144 21.99 26.36 13.87
CA VAL D 144 23.18 26.11 13.06
C VAL D 144 23.59 27.37 12.31
N GLN D 157 23.67 46.65 9.77
CA GLN D 157 24.59 47.66 9.28
C GLN D 157 23.84 48.85 8.70
N MET D 158 22.74 48.56 7.99
CA MET D 158 21.89 49.59 7.40
C MET D 158 20.44 49.27 7.74
N THR D 159 19.86 50.04 8.67
CA THR D 159 18.48 49.84 9.09
C THR D 159 17.63 51.02 8.62
N GLN D 160 16.53 50.71 7.93
CA GLN D 160 15.63 51.71 7.38
C GLN D 160 14.36 51.75 8.20
N SER D 161 13.70 52.91 8.21
CA SER D 161 12.50 53.06 9.01
C SER D 161 11.61 54.14 8.43
N PRO D 162 10.29 53.93 8.35
CA PRO D 162 9.61 52.69 8.78
C PRO D 162 9.79 51.55 7.77
N SER D 163 9.16 50.41 8.00
CA SER D 163 9.23 49.33 7.01
C SER D 163 8.24 49.57 5.87
N SER D 164 7.07 50.10 6.19
CA SER D 164 6.06 50.44 5.19
C SER D 164 5.16 51.52 5.78
N LEU D 165 4.57 52.31 4.89
CA LEU D 165 3.71 53.39 5.31
C LEU D 165 2.63 53.61 4.25
N SER D 166 1.44 53.98 4.72
CA SER D 166 0.32 54.37 3.86
C SER D 166 0.15 55.88 3.94
N ALA D 167 0.10 56.54 2.78
CA ALA D 167 0.01 58.00 2.74
C ALA D 167 -0.89 58.40 1.58
N SER D 168 -1.15 59.70 1.50
CA SER D 168 -2.09 60.26 0.54
C SER D 168 -1.35 61.18 -0.43
N VAL D 169 -1.92 61.37 -1.62
CA VAL D 169 -1.34 62.32 -2.53
C VAL D 169 -1.31 63.71 -1.89
N GLY D 170 -0.18 64.40 -2.03
CA GLY D 170 0.03 65.68 -1.40
C GLY D 170 0.65 65.62 -0.01
N ASP D 171 0.73 64.43 0.58
CA ASP D 171 1.32 64.28 1.89
C ASP D 171 2.84 64.40 1.81
N ARG D 172 3.45 64.57 2.98
CA ARG D 172 4.90 64.58 3.12
C ARG D 172 5.32 63.27 3.78
N VAL D 173 6.32 62.62 3.18
CA VAL D 173 6.84 61.35 3.66
C VAL D 173 8.28 61.55 4.12
N THR D 174 8.63 60.97 5.27
CA THR D 174 9.96 61.08 5.83
C THR D 174 10.49 59.68 6.12
N ILE D 175 11.65 59.35 5.55
CA ILE D 175 12.23 58.01 5.63
C ILE D 175 13.59 58.10 6.31
N THR D 176 13.79 57.30 7.34
CA THR D 176 15.02 57.32 8.14
C THR D 176 15.91 56.14 7.77
N CYS D 177 17.21 56.40 7.72
CA CYS D 177 18.21 55.38 7.41
C CYS D 177 19.34 55.49 8.44
N ARG D 178 19.55 54.42 9.20
CA ARG D 178 20.54 54.38 10.27
C ARG D 178 21.67 53.43 9.88
N ALA D 179 22.90 53.95 9.89
CA ALA D 179 24.08 53.13 9.65
C ALA D 179 24.69 52.69 10.98
N SER D 180 25.12 51.43 11.03
CA SER D 180 25.71 50.90 12.25
C SER D 180 27.11 51.46 12.52
N GLN D 181 27.72 52.11 11.54
CA GLN D 181 29.01 52.76 11.71
C GLN D 181 29.02 54.05 10.92
N ASP D 182 30.04 54.87 11.14
CA ASP D 182 30.13 56.15 10.46
C ASP D 182 30.31 55.93 8.97
N LEU D 183 29.50 56.63 8.16
CA LEU D 183 29.60 56.58 6.71
C LEU D 183 29.88 57.94 6.11
N ALA D 184 30.15 58.96 6.93
CA ALA D 184 30.30 60.34 6.48
C ALA D 184 29.08 60.74 5.64
N THR D 185 29.27 60.96 4.34
CA THR D 185 28.17 61.31 3.46
C THR D 185 28.03 60.31 2.31
N ASP D 186 28.47 59.07 2.53
CA ASP D 186 28.46 58.04 1.50
C ASP D 186 27.13 57.27 1.55
N VAL D 187 26.08 57.94 1.06
CA VAL D 187 24.73 57.37 1.08
C VAL D 187 24.00 57.78 -0.19
N ALA D 188 23.24 56.84 -0.76
CA ALA D 188 22.38 57.12 -1.90
C ALA D 188 20.98 56.57 -1.61
N TRP D 189 20.00 57.13 -2.31
CA TRP D 189 18.61 56.71 -2.20
C TRP D 189 18.10 56.27 -3.57
N TYR D 190 17.36 55.16 -3.60
CA TYR D 190 16.82 54.61 -4.84
C TYR D 190 15.32 54.40 -4.71
N GLN D 191 14.63 54.51 -5.85
CA GLN D 191 13.21 54.22 -5.95
C GLN D 191 13.01 53.02 -6.87
N GLN D 192 12.16 52.09 -6.44
CA GLN D 192 11.82 50.93 -7.25
C GLN D 192 10.30 50.72 -7.23
N LYS D 193 9.66 51.03 -8.35
CA LYS D 193 8.26 50.69 -8.52
C LYS D 193 8.11 49.18 -8.76
N PRO D 194 6.96 48.61 -8.40
CA PRO D 194 6.80 47.15 -8.50
C PRO D 194 6.99 46.65 -9.92
N GLY D 195 7.73 45.55 -10.05
CA GLY D 195 8.00 44.93 -11.33
C GLY D 195 9.00 45.66 -12.19
N LYS D 196 9.61 46.73 -11.70
CA LYS D 196 10.58 47.51 -12.45
C LYS D 196 11.92 47.55 -11.71
N ALA D 197 12.91 48.13 -12.38
CA ALA D 197 14.28 48.28 -11.89
C ALA D 197 14.41 49.53 -11.05
N PRO D 198 15.34 49.53 -10.10
CA PRO D 198 15.57 50.74 -9.30
C PRO D 198 16.01 51.92 -10.15
N LYS D 199 15.71 53.12 -9.64
CA LYS D 199 16.17 54.36 -10.22
C LYS D 199 16.91 55.16 -9.15
N LEU D 200 17.99 55.82 -9.56
CA LEU D 200 18.74 56.66 -8.63
C LEU D 200 17.99 57.96 -8.39
N LEU D 201 17.84 58.32 -7.12
CA LEU D 201 17.20 59.58 -6.73
C LEU D 201 18.20 60.60 -6.18
N ILE D 202 19.00 60.21 -5.20
CA ILE D 202 19.88 61.11 -4.48
C ILE D 202 21.19 60.37 -4.20
N TYR D 203 22.31 61.07 -4.37
CA TYR D 203 23.63 60.53 -4.08
C TYR D 203 24.37 61.49 -3.15
N SER D 204 25.37 60.94 -2.44
CA SER D 204 26.15 61.70 -1.47
C SER D 204 25.25 62.35 -0.41
N ALA D 205 24.24 61.59 0.01
CA ALA D 205 23.33 61.91 1.12
C ALA D 205 22.32 63.01 0.79
N SER D 206 22.75 64.07 0.11
CA SER D 206 21.88 65.22 -0.09
C SER D 206 21.80 65.74 -1.52
N PHE D 207 22.57 65.20 -2.46
CA PHE D 207 22.62 65.73 -3.81
C PHE D 207 21.63 64.99 -4.72
N LEU D 208 20.84 65.77 -5.45
CA LEU D 208 19.76 65.24 -6.27
C LEU D 208 20.28 64.85 -7.64
N TYR D 209 19.86 63.67 -8.11
CA TYR D 209 20.29 63.17 -9.41
C TYR D 209 19.47 63.81 -10.52
N SER D 210 20.10 63.95 -11.68
CA SER D 210 19.46 64.63 -12.81
C SER D 210 18.17 63.94 -13.21
N GLY D 211 17.12 64.75 -13.43
CA GLY D 211 15.83 64.23 -13.83
C GLY D 211 14.91 63.87 -12.69
N VAL D 212 15.38 63.91 -11.45
CA VAL D 212 14.54 63.60 -10.29
C VAL D 212 13.82 64.89 -9.88
N PRO D 213 12.51 64.85 -9.65
CA PRO D 213 11.79 66.06 -9.24
C PRO D 213 12.32 66.61 -7.93
N SER D 214 12.16 67.93 -7.77
CA SER D 214 12.71 68.62 -6.60
C SER D 214 12.01 68.23 -5.30
N ARG D 215 10.82 67.62 -5.37
CA ARG D 215 10.11 67.24 -4.15
C ARG D 215 10.84 66.17 -3.35
N PHE D 216 11.86 65.53 -3.92
CA PHE D 216 12.71 64.60 -3.19
C PHE D 216 13.89 65.34 -2.59
N SER D 217 14.23 65.01 -1.35
CA SER D 217 15.30 65.70 -0.64
C SER D 217 15.94 64.75 0.36
N GLY D 218 17.28 64.76 0.39
CA GLY D 218 18.01 63.96 1.35
C GLY D 218 18.83 64.83 2.28
N SER D 219 19.25 64.27 3.41
CA SER D 219 20.02 65.01 4.40
C SER D 219 20.62 64.04 5.39
N GLY D 220 21.63 64.50 6.11
CA GLY D 220 22.25 63.74 7.17
C GLY D 220 23.73 63.47 6.90
N SER D 221 24.36 62.89 7.91
CA SER D 221 25.77 62.52 7.85
C SER D 221 26.03 61.50 8.96
N GLY D 222 27.26 60.99 8.99
CA GLY D 222 27.65 60.04 10.01
C GLY D 222 26.87 58.75 9.93
N THR D 223 25.86 58.61 10.80
CA THR D 223 24.99 57.45 10.83
C THR D 223 23.52 57.82 10.66
N ASP D 224 23.22 59.07 10.36
CA ASP D 224 21.86 59.57 10.31
C ASP D 224 21.58 60.13 8.92
N PHE D 225 20.54 59.61 8.27
CA PHE D 225 20.22 60.00 6.90
C PHE D 225 18.71 59.96 6.72
N THR D 226 18.18 60.96 6.02
CA THR D 226 16.74 61.16 5.90
C THR D 226 16.38 61.41 4.44
N LEU D 227 15.32 60.74 3.98
CA LEU D 227 14.72 61.02 2.68
C LEU D 227 13.35 61.64 2.90
N THR D 228 13.07 62.73 2.18
CA THR D 228 11.82 63.47 2.34
C THR D 228 11.19 63.71 0.98
N ILE D 229 9.92 63.31 0.85
CA ILE D 229 9.11 63.61 -0.32
C ILE D 229 8.12 64.68 0.11
N SER D 230 8.27 65.90 -0.43
CA SER D 230 7.50 67.04 0.07
C SER D 230 6.02 66.90 -0.26
N SER D 231 5.70 66.49 -1.48
CA SER D 231 4.31 66.39 -1.93
C SER D 231 4.15 65.08 -2.69
N LEU D 232 3.65 64.05 -2.00
CA LEU D 232 3.53 62.73 -2.59
C LEU D 232 2.63 62.76 -3.82
N GLN D 233 3.02 62.00 -4.83
CA GLN D 233 2.33 61.94 -6.12
C GLN D 233 1.96 60.50 -6.43
N PRO D 234 0.99 60.29 -7.33
CA PRO D 234 0.56 58.91 -7.63
C PRO D 234 1.69 58.03 -8.16
N GLU D 235 2.64 58.60 -8.90
CA GLU D 235 3.75 57.82 -9.42
C GLU D 235 4.87 57.62 -8.39
N ASP D 236 4.76 58.19 -7.20
CA ASP D 236 5.77 58.05 -6.17
C ASP D 236 5.56 56.82 -5.29
N PHE D 237 4.47 56.08 -5.50
CA PHE D 237 4.20 54.89 -4.72
C PHE D 237 5.12 53.77 -5.21
N ALA D 238 6.06 53.38 -4.35
CA ALA D 238 7.12 52.43 -4.68
C ALA D 238 7.85 52.10 -3.39
N THR D 239 8.92 51.32 -3.51
CA THR D 239 9.79 50.99 -2.39
C THR D 239 11.08 51.81 -2.50
N TYR D 240 11.51 52.38 -1.38
CA TYR D 240 12.65 53.29 -1.35
C TYR D 240 13.77 52.68 -0.52
N TYR D 241 14.96 52.61 -1.10
CA TYR D 241 16.13 52.03 -0.45
C TYR D 241 17.17 53.10 -0.22
N CYS D 242 17.74 53.13 0.98
CA CYS D 242 19.01 53.80 1.20
C CYS D 242 20.14 52.80 1.01
N GLN D 243 21.33 53.31 0.73
CA GLN D 243 22.43 52.42 0.44
C GLN D 243 23.76 53.06 0.81
N GLN D 244 24.56 52.31 1.57
CA GLN D 244 25.95 52.67 1.84
C GLN D 244 26.74 52.55 0.53
N SER D 245 27.18 53.69 -0.01
CA SER D 245 27.88 53.70 -1.29
C SER D 245 29.36 53.37 -1.18
N GLU D 246 29.88 53.19 0.03
CA GLU D 246 31.30 52.96 0.26
C GLU D 246 31.53 52.56 1.71
N PRO D 247 32.33 51.51 1.98
CA PRO D 247 32.97 50.69 0.96
C PRO D 247 32.12 49.47 0.58
N GLU D 248 32.77 48.45 0.02
CA GLU D 248 32.07 47.21 -0.29
C GLU D 248 31.64 46.54 1.02
N PRO D 249 30.59 45.69 0.96
CA PRO D 249 29.80 45.28 -0.21
C PRO D 249 28.64 46.21 -0.55
N TYR D 250 28.78 47.51 -0.28
CA TYR D 250 27.82 48.53 -0.70
C TYR D 250 26.39 48.17 -0.27
N THR D 251 26.24 47.98 1.04
CA THR D 251 25.02 47.42 1.59
C THR D 251 23.83 48.34 1.38
N PHE D 252 22.70 47.75 0.98
CA PHE D 252 21.43 48.44 0.89
C PHE D 252 20.66 48.30 2.21
N GLY D 253 19.75 49.23 2.45
CA GLY D 253 18.76 49.05 3.49
C GLY D 253 17.66 48.12 3.04
N GLN D 254 16.91 47.59 4.03
CA GLN D 254 15.82 46.68 3.71
C GLN D 254 14.71 47.34 2.92
N GLY D 255 14.72 48.67 2.81
CA GLY D 255 13.73 49.39 2.05
C GLY D 255 12.50 49.73 2.88
N THR D 256 11.78 50.76 2.43
CA THR D 256 10.48 51.13 2.98
C THR D 256 9.48 51.21 1.84
N LYS D 257 8.35 50.54 2.00
CA LYS D 257 7.31 50.53 0.99
C LYS D 257 6.36 51.70 1.23
N VAL D 258 6.04 52.43 0.16
CA VAL D 258 5.13 53.55 0.20
C VAL D 258 3.89 53.18 -0.61
N GLU D 259 2.79 52.90 0.07
CA GLU D 259 1.57 52.43 -0.58
C GLU D 259 0.51 53.52 -0.67
#